data_5IP2
#
_entry.id   5IP2
#
_cell.length_a   68.208
_cell.length_b   94.732
_cell.length_c   70.917
_cell.angle_alpha   90.000
_cell.angle_beta   112.600
_cell.angle_gamma   90.000
#
_symmetry.space_group_name_H-M   'P 1 21 1'
#
loop_
_entity.id
_entity.type
_entity.pdbx_description
1 polymer Nucleoprotein
2 polymer "RNA (5'-R(P*UP*UP*UP*UP*UP*UP*UP*UP*UP*UP*UP*UP*UP*UP*UP*UP*UP*UP*U)-3')"
3 polymer "RNA (5'-D(P*UP*UP*U)-3')"
#
loop_
_entity_poly.entity_id
_entity_poly.type
_entity_poly.pdbx_seq_one_letter_code
_entity_poly.pdbx_strand_id
1 'polypeptide(L)'
;MNHKHHHHHHSSGENLYFQGHMSKVKLTKENIVALLTQGKDLEFEENQNLVAFNFKTFCLENLDQIKKMSIISCLTFLKN
RQSIMKVIKQSDFTFGKITIKKTSDRIGATDMTFRRLDSLIRVRLVEETGNSENLNTIKSKIASHPLIQAYGLPLDDAKS
VRLAIMLGGSLPLIASVDSFEMISVVLAIYQDAKYKDLGIDPKKYDTKEALGKVCTVLKSKAFEMNEDQVKKGKEYAAIL
SSSNPNAKGSVAMEHYSETLNKFYEMFGVKKQAKLAELA
;
B,C,A
2 'polyribonucleotide' UUUUUUUUUUUUUUUUUUU E
3 'polyribonucleotide' UUU F,D
#
loop_
_chem_comp.id
_chem_comp.type
_chem_comp.name
_chem_comp.formula
U RNA linking URIDINE-5'-MONOPHOSPHATE 'C9 H13 N2 O9 P'
#
# COMPACT_ATOMS: atom_id res chain seq x y z
N SER A 23 14.42 30.07 21.27
CA SER A 23 14.89 28.68 21.26
C SER A 23 14.05 27.84 20.29
N LYS A 24 13.27 26.92 20.84
CA LYS A 24 12.41 26.06 20.03
C LYS A 24 11.14 26.79 19.59
N VAL A 25 10.75 26.58 18.34
CA VAL A 25 9.57 27.22 17.78
C VAL A 25 8.55 26.21 17.26
N LYS A 26 7.39 26.70 16.83
CA LYS A 26 6.34 25.85 16.29
C LYS A 26 6.56 25.55 14.80
N LEU A 27 6.21 24.35 14.38
CA LEU A 27 6.35 23.94 12.99
C LEU A 27 5.31 24.61 12.10
N THR A 28 5.74 25.64 11.38
CA THR A 28 4.88 26.35 10.43
C THR A 28 5.57 26.43 9.08
N LYS A 29 4.83 26.85 8.06
CA LYS A 29 5.39 26.97 6.72
C LYS A 29 6.49 28.02 6.67
N GLU A 30 6.32 29.09 7.44
CA GLU A 30 7.30 30.16 7.48
C GLU A 30 8.56 29.73 8.21
N ASN A 31 8.40 28.88 9.21
CA ASN A 31 9.53 28.40 10.00
C ASN A 31 10.41 27.42 9.25
N ILE A 32 9.84 26.75 8.25
CA ILE A 32 10.61 25.86 7.39
C ILE A 32 11.44 26.68 6.40
N VAL A 33 10.86 27.79 5.94
CA VAL A 33 11.58 28.71 5.07
C VAL A 33 12.77 29.31 5.82
N ALA A 34 12.54 29.68 7.07
CA ALA A 34 13.60 30.20 7.92
C ALA A 34 14.63 29.11 8.21
N LEU A 35 14.17 27.88 8.30
CA LEU A 35 15.05 26.73 8.52
C LEU A 35 16.01 26.54 7.36
N LEU A 36 15.53 26.79 6.14
CA LEU A 36 16.29 26.47 4.93
C LEU A 36 17.07 27.65 4.34
N THR A 37 16.66 28.87 4.66
CA THR A 37 17.26 30.05 4.04
C THR A 37 18.09 30.91 4.99
N GLN A 38 18.02 30.61 6.28
CA GLN A 38 18.77 31.38 7.26
C GLN A 38 19.86 30.55 7.93
N GLY A 39 20.69 31.23 8.73
CA GLY A 39 21.81 30.60 9.41
C GLY A 39 21.55 30.42 10.89
N LYS A 40 20.36 30.82 11.34
CA LYS A 40 20.00 30.75 12.75
C LYS A 40 19.80 29.30 13.18
N ASP A 41 20.19 28.99 14.42
CA ASP A 41 19.93 27.68 14.99
C ASP A 41 18.43 27.53 15.21
N LEU A 42 17.82 26.54 14.56
CA LEU A 42 16.36 26.40 14.60
C LEU A 42 15.91 24.97 14.89
N GLU A 43 15.09 24.82 15.92
CA GLU A 43 14.52 23.52 16.26
C GLU A 43 13.01 23.60 16.41
N PHE A 44 12.33 22.48 16.22
CA PHE A 44 10.87 22.42 16.34
C PHE A 44 10.46 21.71 17.63
N ASN A 54 -3.86 9.16 23.78
CA ASN A 54 -4.51 8.18 24.66
C ASN A 54 -6.02 8.19 24.49
N PHE A 55 -6.55 7.07 24.02
CA PHE A 55 -7.98 6.92 23.76
C PHE A 55 -8.76 6.67 25.05
N LYS A 56 -8.10 6.07 26.03
CA LYS A 56 -8.72 5.79 27.32
C LYS A 56 -9.21 7.08 27.97
N THR A 57 -8.40 8.12 27.90
CA THR A 57 -8.80 9.45 28.36
C THR A 57 -9.86 10.00 27.43
N PHE A 58 -9.63 9.86 26.12
CA PHE A 58 -10.56 10.32 25.10
C PHE A 58 -11.92 9.66 25.25
N CYS A 59 -11.93 8.38 25.62
CA CYS A 59 -13.17 7.65 25.78
C CYS A 59 -13.98 8.16 26.97
N LEU A 60 -13.32 8.26 28.12
CA LEU A 60 -13.98 8.69 29.35
C LEU A 60 -14.59 10.08 29.23
N GLU A 61 -14.03 10.90 28.35
CA GLU A 61 -14.47 12.29 28.20
C GLU A 61 -15.51 12.44 27.09
N ASN A 62 -15.58 11.45 26.20
CA ASN A 62 -16.47 11.54 25.05
C ASN A 62 -17.55 10.46 25.02
N LEU A 63 -17.50 9.53 25.98
CA LEU A 63 -18.44 8.42 26.01
C LEU A 63 -19.85 8.86 26.39
N ASP A 64 -19.93 9.80 27.33
CA ASP A 64 -21.22 10.31 27.81
C ASP A 64 -22.03 10.99 26.70
N GLN A 65 -21.33 11.56 25.73
CA GLN A 65 -21.98 12.27 24.64
C GLN A 65 -22.77 11.34 23.72
N ILE A 66 -22.23 10.15 23.48
CA ILE A 66 -22.86 9.21 22.57
C ILE A 66 -23.84 8.27 23.27
N LYS A 67 -23.98 8.44 24.58
CA LYS A 67 -24.90 7.61 25.35
C LYS A 67 -26.35 7.91 25.06
N LYS A 68 -26.62 9.07 24.46
CA LYS A 68 -27.99 9.45 24.15
C LYS A 68 -28.49 8.79 22.86
N MET A 69 -27.61 8.04 22.20
CA MET A 69 -28.01 7.29 21.01
C MET A 69 -28.84 6.08 21.41
N SER A 70 -29.58 5.53 20.44
CA SER A 70 -30.33 4.31 20.66
C SER A 70 -29.47 3.09 20.39
N ILE A 71 -29.79 1.97 21.02
CA ILE A 71 -29.11 0.71 20.75
C ILE A 71 -29.24 0.37 19.27
N ILE A 72 -30.44 0.55 18.74
CA ILE A 72 -30.69 0.33 17.32
C ILE A 72 -29.88 1.31 16.48
N SER A 73 -29.79 2.55 16.97
CA SER A 73 -29.01 3.58 16.29
C SER A 73 -27.53 3.21 16.26
N CYS A 74 -27.06 2.61 17.34
CA CYS A 74 -25.68 2.11 17.42
C CYS A 74 -25.44 0.91 16.52
N LEU A 75 -26.38 -0.04 16.55
CA LEU A 75 -26.26 -1.26 15.77
C LEU A 75 -26.42 -1.02 14.27
N THR A 76 -27.18 0.01 13.91
CA THR A 76 -27.36 0.38 12.52
C THR A 76 -26.06 0.96 11.97
N PHE A 77 -25.39 1.76 12.80
CA PHE A 77 -24.10 2.36 12.47
C PHE A 77 -23.08 1.26 12.14
N LEU A 78 -23.09 0.20 12.93
CA LEU A 78 -22.20 -0.94 12.71
C LEU A 78 -22.52 -1.63 11.39
N LYS A 79 -23.81 -1.82 11.12
CA LYS A 79 -24.27 -2.54 9.94
C LYS A 79 -23.89 -1.83 8.64
N ASN A 80 -23.99 -0.50 8.64
CA ASN A 80 -23.71 0.29 7.44
C ASN A 80 -22.47 1.17 7.58
N ARG A 81 -21.42 0.65 8.20
CA ARG A 81 -20.23 1.43 8.51
C ARG A 81 -19.57 2.12 7.30
N GLN A 82 -19.25 1.35 6.26
CA GLN A 82 -18.55 1.90 5.09
C GLN A 82 -19.39 2.95 4.36
N SER A 83 -20.68 2.68 4.21
CA SER A 83 -21.58 3.61 3.54
C SER A 83 -21.73 4.91 4.32
N ILE A 84 -21.89 4.79 5.63
CA ILE A 84 -21.98 5.95 6.51
C ILE A 84 -20.67 6.73 6.50
N MET A 85 -19.55 6.00 6.48
CA MET A 85 -18.22 6.60 6.51
C MET A 85 -17.98 7.61 5.38
N LYS A 86 -18.38 7.24 4.18
CA LYS A 86 -18.21 8.07 2.99
C LYS A 86 -18.92 9.41 3.11
N VAL A 87 -20.11 9.40 3.68
CA VAL A 87 -20.92 10.60 3.82
C VAL A 87 -20.24 11.59 4.77
N ILE A 88 -19.65 11.06 5.83
CA ILE A 88 -18.90 11.86 6.78
C ILE A 88 -17.70 12.52 6.11
N LYS A 89 -17.11 11.79 5.16
CA LYS A 89 -15.91 12.24 4.46
C LYS A 89 -16.21 13.22 3.33
N GLN A 90 -17.50 13.38 3.00
CA GLN A 90 -17.91 14.29 1.93
C GLN A 90 -17.47 15.73 2.22
N SER A 91 -17.68 16.15 3.46
CA SER A 91 -17.34 17.51 3.88
C SER A 91 -17.14 17.53 5.39
N ASP A 92 -16.86 18.71 5.94
CA ASP A 92 -16.77 18.86 7.39
C ASP A 92 -18.10 18.46 8.02
N PHE A 93 -18.16 17.23 8.52
CA PHE A 93 -19.39 16.71 9.10
C PHE A 93 -19.51 17.10 10.57
N THR A 94 -20.57 17.81 10.90
CA THR A 94 -20.80 18.27 12.27
C THR A 94 -22.08 17.68 12.83
N PHE A 95 -21.98 17.08 14.01
CA PHE A 95 -23.14 16.54 14.69
C PHE A 95 -23.15 17.00 16.15
N GLY A 96 -24.21 17.71 16.53
CA GLY A 96 -24.28 18.33 17.84
C GLY A 96 -23.19 19.37 18.00
N LYS A 97 -22.47 19.30 19.11
CA LYS A 97 -21.36 20.23 19.35
C LYS A 97 -20.07 19.68 18.74
N ILE A 98 -20.10 18.42 18.35
CA ILE A 98 -18.93 17.74 17.80
C ILE A 98 -18.88 17.83 16.27
N THR A 99 -17.68 18.08 15.74
CA THR A 99 -17.50 18.16 14.30
C THR A 99 -16.32 17.31 13.82
N ILE A 100 -16.60 16.47 12.82
CA ILE A 100 -15.55 15.65 12.23
C ILE A 100 -15.01 16.34 10.99
N LYS A 101 -13.78 16.87 11.10
CA LYS A 101 -13.18 17.67 10.05
C LYS A 101 -12.73 16.84 8.86
N LYS A 102 -12.74 17.45 7.68
CA LYS A 102 -12.28 16.79 6.46
C LYS A 102 -10.76 16.65 6.46
N THR A 103 -10.08 17.64 7.01
CA THR A 103 -8.63 17.60 7.08
C THR A 103 -8.16 16.47 7.98
N SER A 104 -7.67 15.41 7.36
CA SER A 104 -7.16 14.25 8.09
C SER A 104 -5.89 14.61 8.86
N ASP A 105 -5.15 15.60 8.36
CA ASP A 105 -3.91 16.02 8.98
C ASP A 105 -4.20 16.88 10.21
N ARG A 106 -3.29 16.81 11.18
CA ARG A 106 -3.41 17.57 12.42
C ARG A 106 -4.73 17.29 13.14
N ILE A 107 -4.81 16.12 13.78
CA ILE A 107 -5.95 15.77 14.59
C ILE A 107 -5.55 15.76 16.06
N GLY A 108 -6.22 16.59 16.86
CA GLY A 108 -5.87 16.74 18.26
C GLY A 108 -6.38 15.63 19.15
N ALA A 109 -5.90 15.61 20.38
CA ALA A 109 -6.34 14.62 21.36
C ALA A 109 -7.80 14.83 21.73
N THR A 110 -8.34 15.99 21.37
CA THR A 110 -9.74 16.30 21.60
C THR A 110 -10.56 16.11 20.33
N ASP A 111 -9.91 16.27 19.17
CA ASP A 111 -10.61 16.23 17.89
C ASP A 111 -11.23 14.87 17.65
N MET A 112 -12.39 14.88 17.00
CA MET A 112 -13.14 13.65 16.75
C MET A 112 -13.04 13.21 15.30
N THR A 113 -12.48 12.02 15.09
CA THR A 113 -12.42 11.42 13.76
C THR A 113 -13.48 10.34 13.64
N PHE A 114 -13.67 9.81 12.43
CA PHE A 114 -14.67 8.77 12.22
C PHE A 114 -14.29 7.49 12.96
N ARG A 115 -13.03 7.11 12.89
CA ARG A 115 -12.53 5.91 13.56
C ARG A 115 -12.71 6.04 15.08
N ARG A 116 -12.48 7.24 15.58
CA ARG A 116 -12.66 7.52 17.00
C ARG A 116 -14.15 7.52 17.35
N LEU A 117 -14.97 7.98 16.40
CA LEU A 117 -16.42 7.96 16.57
C LEU A 117 -16.96 6.54 16.53
N ASP A 118 -16.50 5.76 15.54
CA ASP A 118 -16.93 4.38 15.36
C ASP A 118 -16.60 3.49 16.56
N SER A 119 -15.41 3.67 17.12
CA SER A 119 -14.95 2.84 18.24
C SER A 119 -15.77 3.08 19.50
N LEU A 120 -16.06 4.35 19.77
CA LEU A 120 -16.88 4.73 20.93
C LEU A 120 -18.24 4.06 20.88
N ILE A 121 -18.85 4.02 19.70
CA ILE A 121 -20.16 3.44 19.52
C ILE A 121 -20.13 1.95 19.84
N ARG A 122 -19.02 1.30 19.51
CA ARG A 122 -18.82 -0.11 19.85
C ARG A 122 -18.63 -0.26 21.36
N VAL A 123 -17.85 0.64 21.94
CA VAL A 123 -17.62 0.65 23.38
C VAL A 123 -18.94 0.80 24.13
N ARG A 124 -19.80 1.69 23.63
CA ARG A 124 -21.13 1.87 24.19
C ARG A 124 -21.90 0.55 24.11
N LEU A 125 -21.84 -0.09 22.95
CA LEU A 125 -22.58 -1.33 22.71
C LEU A 125 -22.10 -2.49 23.57
N VAL A 126 -20.80 -2.57 23.81
CA VAL A 126 -20.24 -3.64 24.63
C VAL A 126 -20.63 -3.46 26.10
N GLU A 127 -20.61 -2.22 26.57
CA GLU A 127 -21.03 -1.90 27.93
C GLU A 127 -22.50 -2.28 28.18
N GLU A 128 -23.31 -2.20 27.13
CA GLU A 128 -24.73 -2.53 27.25
C GLU A 128 -24.97 -4.04 27.20
N THR A 129 -23.91 -4.80 27.04
CA THR A 129 -24.01 -6.27 27.05
C THR A 129 -24.04 -6.80 28.48
N GLY A 130 -23.91 -5.90 29.45
CA GLY A 130 -23.97 -6.27 30.85
C GLY A 130 -25.41 -6.40 31.32
N ASN A 131 -26.34 -5.92 30.50
CA ASN A 131 -27.76 -6.08 30.75
C ASN A 131 -28.35 -7.14 29.82
N SER A 132 -29.19 -8.02 30.37
CA SER A 132 -29.71 -9.14 29.62
C SER A 132 -30.71 -8.75 28.53
N GLU A 133 -31.50 -7.70 28.79
CA GLU A 133 -32.47 -7.23 27.82
C GLU A 133 -31.79 -6.73 26.54
N ASN A 134 -30.74 -5.94 26.71
CA ASN A 134 -29.96 -5.46 25.58
C ASN A 134 -29.18 -6.59 24.92
N LEU A 135 -28.74 -7.55 25.72
CA LEU A 135 -27.97 -8.69 25.23
C LEU A 135 -28.72 -9.48 24.16
N ASN A 136 -30.02 -9.65 24.35
CA ASN A 136 -30.84 -10.35 23.36
C ASN A 136 -31.11 -9.48 22.14
N THR A 137 -31.22 -8.18 22.38
CA THR A 137 -31.42 -7.21 21.30
C THR A 137 -30.20 -7.15 20.38
N ILE A 138 -29.03 -7.01 20.98
CA ILE A 138 -27.78 -6.94 20.22
C ILE A 138 -27.55 -8.25 19.47
N LYS A 139 -27.68 -9.36 20.18
CA LYS A 139 -27.49 -10.69 19.60
C LYS A 139 -28.39 -10.92 18.38
N SER A 140 -29.63 -10.46 18.48
CA SER A 140 -30.59 -10.61 17.39
C SER A 140 -30.24 -9.74 16.19
N LYS A 141 -29.93 -8.47 16.46
CA LYS A 141 -29.66 -7.51 15.38
C LYS A 141 -28.30 -7.72 14.72
N ILE A 142 -27.27 -7.96 15.54
CA ILE A 142 -25.90 -8.02 15.03
C ILE A 142 -25.61 -9.34 14.31
N ALA A 143 -26.53 -10.29 14.42
CA ALA A 143 -26.38 -11.58 13.77
C ALA A 143 -26.52 -11.48 12.25
N SER A 144 -27.12 -10.38 11.79
CA SER A 144 -27.34 -10.18 10.37
C SER A 144 -26.26 -9.29 9.76
N HIS A 145 -25.42 -8.73 10.63
CA HIS A 145 -24.36 -7.82 10.20
C HIS A 145 -23.33 -8.56 9.34
N PRO A 146 -22.79 -7.89 8.32
CA PRO A 146 -21.89 -8.47 7.32
C PRO A 146 -20.68 -9.21 7.90
N LEU A 147 -19.97 -8.57 8.83
CA LEU A 147 -18.76 -9.16 9.38
C LEU A 147 -19.05 -10.42 10.19
N ILE A 148 -20.19 -10.43 10.88
CA ILE A 148 -20.59 -11.57 11.72
C ILE A 148 -20.84 -12.79 10.84
N GLN A 149 -21.49 -12.56 9.71
CA GLN A 149 -21.81 -13.63 8.77
C GLN A 149 -20.56 -14.09 8.02
N ALA A 150 -19.72 -13.13 7.63
CA ALA A 150 -18.48 -13.43 6.91
C ALA A 150 -17.49 -14.21 7.78
N TYR A 151 -17.43 -13.85 9.06
CA TYR A 151 -16.56 -14.53 10.02
C TYR A 151 -17.17 -15.87 10.45
N GLY A 152 -18.48 -16.01 10.24
CA GLY A 152 -19.20 -17.19 10.66
C GLY A 152 -19.16 -17.34 12.17
N LEU A 153 -19.35 -16.22 12.86
CA LEU A 153 -19.23 -16.19 14.32
C LEU A 153 -20.49 -16.71 15.00
N PRO A 154 -20.33 -17.75 15.83
CA PRO A 154 -21.44 -18.28 16.63
C PRO A 154 -21.83 -17.35 17.78
N LEU A 155 -23.07 -16.88 17.77
CA LEU A 155 -23.54 -15.93 18.77
C LEU A 155 -24.37 -16.61 19.86
N ASP A 156 -23.68 -17.19 20.84
CA ASP A 156 -24.36 -17.93 21.89
C ASP A 156 -24.43 -17.12 23.19
N ASP A 157 -23.28 -16.94 23.83
CA ASP A 157 -23.23 -16.26 25.13
C ASP A 157 -22.82 -14.79 25.00
N ALA A 158 -22.65 -14.13 26.14
CA ALA A 158 -22.34 -12.71 26.18
C ALA A 158 -20.97 -12.36 25.61
N LYS A 159 -19.99 -13.22 25.83
CA LYS A 159 -18.63 -12.97 25.35
C LYS A 159 -18.56 -13.07 23.83
N SER A 160 -19.38 -13.94 23.26
CA SER A 160 -19.43 -14.11 21.80
C SER A 160 -20.09 -12.89 21.16
N VAL A 161 -21.04 -12.31 21.89
CA VAL A 161 -21.72 -11.10 21.43
C VAL A 161 -20.76 -9.91 21.44
N ARG A 162 -19.92 -9.83 22.47
CA ARG A 162 -18.92 -8.78 22.58
C ARG A 162 -17.93 -8.85 21.42
N LEU A 163 -17.55 -10.08 21.05
CA LEU A 163 -16.67 -10.31 19.91
C LEU A 163 -17.30 -9.79 18.62
N ALA A 164 -18.61 -10.00 18.48
CA ALA A 164 -19.34 -9.57 17.29
C ALA A 164 -19.29 -8.06 17.12
N ILE A 165 -19.44 -7.33 18.22
CA ILE A 165 -19.41 -5.88 18.21
C ILE A 165 -18.02 -5.35 17.82
N MET A 166 -16.98 -6.13 18.13
CA MET A 166 -15.61 -5.71 17.90
C MET A 166 -15.18 -5.80 16.44
N LEU A 167 -15.76 -6.74 15.70
CA LEU A 167 -15.40 -6.98 14.30
C LEU A 167 -15.49 -5.72 13.44
N GLY A 168 -14.35 -5.33 12.87
CA GLY A 168 -14.29 -4.17 11.99
C GLY A 168 -13.91 -2.90 12.73
N GLY A 169 -13.76 -3.01 14.04
CA GLY A 169 -13.45 -1.85 14.88
C GLY A 169 -11.98 -1.52 14.96
N SER A 170 -11.67 -0.30 15.39
CA SER A 170 -10.28 0.10 15.58
C SER A 170 -9.74 -0.47 16.88
N LEU A 171 -9.11 -1.65 16.77
CA LEU A 171 -8.65 -2.41 17.92
C LEU A 171 -7.63 -1.70 18.83
N PRO A 172 -6.61 -1.02 18.25
CA PRO A 172 -5.65 -0.36 19.17
C PRO A 172 -6.28 0.75 20.00
N LEU A 173 -7.29 1.42 19.44
CA LEU A 173 -7.99 2.46 20.19
C LEU A 173 -8.77 1.85 21.35
N ILE A 174 -9.60 0.86 21.03
CA ILE A 174 -10.47 0.22 22.01
C ILE A 174 -9.67 -0.53 23.08
N ALA A 175 -8.50 -1.02 22.70
CA ALA A 175 -7.63 -1.77 23.62
C ALA A 175 -7.20 -0.92 24.81
N SER A 176 -7.25 0.40 24.65
CA SER A 176 -6.82 1.33 25.69
C SER A 176 -7.89 1.49 26.76
N VAL A 177 -9.15 1.28 26.38
CA VAL A 177 -10.24 1.32 27.34
C VAL A 177 -10.12 0.11 28.27
N ASP A 178 -10.33 0.34 29.56
CA ASP A 178 -10.16 -0.71 30.56
C ASP A 178 -11.16 -1.86 30.37
N SER A 179 -10.69 -3.08 30.67
CA SER A 179 -11.46 -4.33 30.53
C SER A 179 -11.61 -4.73 29.06
N PHE A 180 -11.06 -3.93 28.16
CA PHE A 180 -11.13 -4.23 26.73
C PHE A 180 -9.79 -4.73 26.19
N GLU A 181 -8.81 -4.92 27.07
CA GLU A 181 -7.46 -5.27 26.66
C GLU A 181 -7.34 -6.66 26.03
N MET A 182 -7.81 -7.67 26.74
CA MET A 182 -7.67 -9.05 26.27
C MET A 182 -8.49 -9.33 25.02
N ILE A 183 -9.72 -8.84 24.98
CA ILE A 183 -10.61 -9.08 23.86
C ILE A 183 -10.06 -8.44 22.58
N SER A 184 -9.26 -7.40 22.74
CA SER A 184 -8.66 -6.72 21.59
C SER A 184 -7.48 -7.49 21.02
N VAL A 185 -6.62 -8.00 21.89
CA VAL A 185 -5.40 -8.67 21.45
C VAL A 185 -5.65 -10.09 20.94
N VAL A 186 -6.65 -10.76 21.52
CA VAL A 186 -7.00 -12.11 21.09
C VAL A 186 -7.59 -12.07 19.68
N LEU A 187 -8.43 -11.07 19.42
CA LEU A 187 -9.02 -10.89 18.11
C LEU A 187 -7.98 -10.41 17.11
N ALA A 188 -7.01 -9.62 17.59
CA ALA A 188 -5.93 -9.14 16.77
C ALA A 188 -5.03 -10.28 16.33
N ILE A 189 -4.74 -11.19 17.25
CA ILE A 189 -3.99 -12.40 16.94
C ILE A 189 -4.71 -13.24 15.89
N TYR A 190 -6.01 -13.39 16.07
CA TYR A 190 -6.84 -14.16 15.14
C TYR A 190 -6.85 -13.53 13.75
N GLN A 191 -6.87 -12.20 13.72
CA GLN A 191 -6.89 -11.47 12.45
C GLN A 191 -5.56 -11.59 11.72
N ASP A 192 -4.50 -11.84 12.47
CA ASP A 192 -3.17 -12.01 11.89
C ASP A 192 -3.02 -13.42 11.30
N ALA A 193 -3.57 -14.40 12.01
CA ALA A 193 -3.49 -15.80 11.59
C ALA A 193 -4.39 -16.10 10.38
N LYS A 194 -5.63 -15.62 10.42
CA LYS A 194 -6.62 -15.98 9.41
C LYS A 194 -6.95 -14.83 8.45
N TYR A 195 -5.99 -13.96 8.20
CA TYR A 195 -6.24 -12.78 7.37
C TYR A 195 -6.60 -13.16 5.93
N LYS A 196 -6.10 -14.30 5.46
CA LYS A 196 -6.41 -14.76 4.12
C LYS A 196 -7.85 -15.25 4.00
N ASP A 197 -8.29 -16.04 4.97
CA ASP A 197 -9.64 -16.61 4.96
C ASP A 197 -10.72 -15.54 5.19
N LEU A 198 -10.34 -14.48 5.90
CA LEU A 198 -11.27 -13.42 6.26
C LEU A 198 -11.37 -12.36 5.17
N GLY A 199 -10.57 -12.52 4.12
CA GLY A 199 -10.57 -11.58 3.02
C GLY A 199 -10.00 -10.22 3.38
N ILE A 200 -8.99 -10.21 4.24
CA ILE A 200 -8.33 -8.97 4.61
C ILE A 200 -7.18 -8.69 3.65
N ASP A 201 -7.27 -7.58 2.92
CA ASP A 201 -6.27 -7.19 1.94
C ASP A 201 -4.99 -6.69 2.59
N PRO A 202 -3.87 -7.42 2.40
CA PRO A 202 -2.59 -7.06 3.02
C PRO A 202 -2.07 -5.69 2.56
N LYS A 203 -2.45 -5.25 1.37
CA LYS A 203 -2.01 -3.95 0.87
C LYS A 203 -2.76 -2.83 1.58
N LYS A 204 -3.97 -3.14 2.02
CA LYS A 204 -4.80 -2.13 2.67
C LYS A 204 -4.65 -2.18 4.19
N TYR A 205 -4.43 -3.38 4.73
CA TYR A 205 -4.41 -3.57 6.18
C TYR A 205 -3.30 -4.52 6.63
N ASP A 206 -2.24 -3.96 7.19
CA ASP A 206 -1.15 -4.75 7.74
C ASP A 206 -1.60 -5.38 9.05
N THR A 207 -2.01 -6.65 8.99
CA THR A 207 -2.59 -7.32 10.14
C THR A 207 -1.56 -7.65 11.21
N LYS A 208 -0.29 -7.61 10.84
CA LYS A 208 0.80 -7.80 11.79
C LYS A 208 1.06 -6.51 12.53
N GLU A 209 0.97 -5.40 11.81
CA GLU A 209 1.13 -4.07 12.39
C GLU A 209 0.00 -3.80 13.38
N ALA A 210 -1.19 -4.30 13.06
CA ALA A 210 -2.36 -4.14 13.92
C ALA A 210 -2.15 -4.77 15.28
N LEU A 211 -1.66 -6.01 15.27
CA LEU A 211 -1.37 -6.73 16.51
C LEU A 211 -0.28 -6.03 17.32
N GLY A 212 0.69 -5.46 16.61
CA GLY A 212 1.78 -4.74 17.24
C GLY A 212 1.33 -3.48 17.96
N LYS A 213 0.44 -2.72 17.34
CA LYS A 213 -0.05 -1.48 17.92
C LYS A 213 -0.89 -1.72 19.18
N VAL A 214 -1.63 -2.82 19.19
CA VAL A 214 -2.43 -3.17 20.36
C VAL A 214 -1.53 -3.44 21.57
N CYS A 215 -0.45 -4.18 21.33
CA CYS A 215 0.51 -4.52 22.38
C CYS A 215 1.22 -3.28 22.92
N THR A 216 1.53 -2.35 22.01
CA THR A 216 2.15 -1.09 22.39
C THR A 216 1.24 -0.32 23.34
N VAL A 217 -0.06 -0.35 23.06
CA VAL A 217 -1.05 0.30 23.91
C VAL A 217 -1.09 -0.34 25.30
N LEU A 218 -1.10 -1.67 25.32
CA LEU A 218 -1.19 -2.41 26.58
C LEU A 218 0.05 -2.24 27.45
N LYS A 219 1.22 -2.24 26.83
CA LYS A 219 2.47 -2.07 27.54
C LYS A 219 2.61 -0.63 28.05
N SER A 220 1.94 0.30 27.36
CA SER A 220 1.98 1.71 27.72
C SER A 220 1.22 1.97 29.01
N LYS A 221 0.14 1.23 29.23
CA LYS A 221 -0.64 1.37 30.45
C LYS A 221 -0.37 0.22 31.41
N ALA A 222 0.80 -0.39 31.25
CA ALA A 222 1.28 -1.47 32.13
C ALA A 222 0.25 -2.58 32.37
N PHE A 223 -0.33 -3.11 31.29
CA PHE A 223 -1.26 -4.21 31.41
C PHE A 223 -0.50 -5.52 31.62
N GLU A 224 -0.87 -6.25 32.67
CA GLU A 224 -0.19 -7.50 33.00
C GLU A 224 -1.09 -8.70 32.70
N MET A 225 -0.60 -9.59 31.85
CA MET A 225 -1.37 -10.76 31.43
C MET A 225 -1.21 -11.91 32.41
N ASN A 226 -1.86 -11.81 33.56
CA ASN A 226 -1.85 -12.89 34.54
C ASN A 226 -2.78 -14.02 34.14
N GLU A 227 -2.96 -14.99 35.05
CA GLU A 227 -3.75 -16.18 34.78
C GLU A 227 -5.22 -15.86 34.53
N ASP A 228 -5.73 -14.85 35.23
CA ASP A 228 -7.13 -14.47 35.10
C ASP A 228 -7.43 -13.91 33.72
N GLN A 229 -6.51 -13.09 33.19
CA GLN A 229 -6.68 -12.47 31.89
C GLN A 229 -6.57 -13.50 30.76
N VAL A 230 -5.57 -14.38 30.86
CA VAL A 230 -5.36 -15.41 29.85
C VAL A 230 -6.52 -16.40 29.83
N LYS A 231 -7.06 -16.70 31.01
CA LYS A 231 -8.25 -17.54 31.13
C LYS A 231 -9.39 -16.94 30.32
N LYS A 232 -9.59 -15.64 30.49
CA LYS A 232 -10.63 -14.92 29.77
C LYS A 232 -10.34 -14.91 28.28
N GLY A 233 -9.09 -14.64 27.93
CA GLY A 233 -8.66 -14.60 26.54
C GLY A 233 -8.88 -15.92 25.82
N LYS A 234 -8.60 -17.02 26.49
CA LYS A 234 -8.80 -18.34 25.91
C LYS A 234 -10.28 -18.62 25.65
N GLU A 235 -11.15 -18.07 26.50
CA GLU A 235 -12.58 -18.18 26.31
C GLU A 235 -12.99 -17.41 25.06
N TYR A 236 -12.34 -16.27 24.85
CA TYR A 236 -12.54 -15.48 23.63
C TYR A 236 -11.97 -16.22 22.43
N ALA A 237 -10.77 -16.77 22.59
CA ALA A 237 -10.09 -17.49 21.52
C ALA A 237 -10.84 -18.76 21.13
N ALA A 238 -11.50 -19.38 22.11
CA ALA A 238 -12.30 -20.58 21.86
C ALA A 238 -13.46 -20.29 20.92
N ILE A 239 -14.09 -19.14 21.12
CA ILE A 239 -15.21 -18.71 20.28
C ILE A 239 -14.74 -18.38 18.87
N LEU A 240 -13.55 -17.79 18.77
CA LEU A 240 -13.00 -17.41 17.48
C LEU A 240 -12.58 -18.64 16.68
N SER A 241 -12.15 -19.67 17.40
CA SER A 241 -11.78 -20.94 16.79
C SER A 241 -13.01 -21.65 16.24
N SER A 242 -14.11 -21.57 16.98
CA SER A 242 -15.34 -22.25 16.63
C SER A 242 -16.08 -21.62 15.46
N SER A 243 -15.59 -20.48 14.99
CA SER A 243 -16.25 -19.76 13.90
C SER A 243 -15.91 -20.38 12.55
N ASN A 244 -16.77 -20.14 11.56
CA ASN A 244 -16.59 -20.73 10.23
C ASN A 244 -16.31 -19.67 9.17
N SER A 250 -9.30 -19.48 -0.41
CA SER A 250 -10.42 -18.86 -1.09
C SER A 250 -11.59 -19.83 -1.23
N VAL A 251 -12.80 -19.33 -1.03
CA VAL A 251 -14.00 -20.15 -1.15
C VAL A 251 -14.28 -20.49 -2.61
N ALA A 252 -14.19 -19.49 -3.48
CA ALA A 252 -14.49 -19.66 -4.89
C ALA A 252 -13.49 -20.59 -5.58
N MET A 253 -12.29 -20.69 -5.03
CA MET A 253 -11.25 -21.54 -5.61
C MET A 253 -11.50 -23.02 -5.33
N GLU A 254 -12.22 -23.30 -4.24
CA GLU A 254 -12.51 -24.68 -3.86
C GLU A 254 -13.62 -25.26 -4.73
N HIS A 255 -14.45 -24.37 -5.28
CA HIS A 255 -15.55 -24.79 -6.14
C HIS A 255 -15.04 -25.31 -7.48
N TYR A 256 -13.90 -24.78 -7.92
CA TYR A 256 -13.31 -25.17 -9.19
C TYR A 256 -12.08 -26.06 -8.98
N SER A 257 -11.72 -26.29 -7.73
CA SER A 257 -10.49 -26.98 -7.36
C SER A 257 -10.31 -28.32 -8.07
N GLU A 258 -11.41 -29.01 -8.33
CA GLU A 258 -11.38 -30.30 -9.00
C GLU A 258 -10.85 -30.17 -10.44
N THR A 259 -11.18 -29.06 -11.09
CA THR A 259 -10.73 -28.79 -12.44
C THR A 259 -9.74 -27.63 -12.46
N LEU A 260 -9.28 -27.24 -11.27
CA LEU A 260 -8.30 -26.16 -11.14
C LEU A 260 -6.91 -26.73 -10.92
N ASN A 261 -6.86 -27.91 -10.32
CA ASN A 261 -5.59 -28.57 -10.03
C ASN A 261 -5.07 -29.37 -11.22
N LYS A 262 -5.94 -29.62 -12.19
CA LYS A 262 -5.53 -30.31 -13.40
C LYS A 262 -4.58 -29.45 -14.23
N PHE A 263 -4.77 -28.14 -14.16
CA PHE A 263 -3.91 -27.21 -14.85
C PHE A 263 -2.63 -26.95 -14.06
N TYR A 264 -2.75 -26.98 -12.73
CA TYR A 264 -1.60 -26.80 -11.86
C TYR A 264 -0.56 -27.88 -12.10
N GLU A 265 -1.02 -29.11 -12.29
CA GLU A 265 -0.12 -30.23 -12.52
C GLU A 265 0.48 -30.19 -13.91
N MET A 266 -0.15 -29.45 -14.81
CA MET A 266 0.41 -29.24 -16.15
C MET A 266 1.60 -28.31 -16.10
N PHE A 267 1.60 -27.43 -15.10
CA PHE A 267 2.66 -26.45 -14.94
C PHE A 267 3.66 -26.92 -13.89
N GLY A 268 3.49 -28.15 -13.42
CA GLY A 268 4.42 -28.76 -12.50
C GLY A 268 4.17 -28.46 -11.04
N VAL A 269 2.90 -28.53 -10.63
CA VAL A 269 2.54 -28.30 -9.23
C VAL A 269 1.84 -29.52 -8.63
N SER B 23 -40.34 3.90 10.22
CA SER B 23 -39.54 2.70 10.37
C SER B 23 -38.15 2.89 9.77
N LYS B 24 -37.86 2.18 8.68
CA LYS B 24 -36.59 2.30 7.99
C LYS B 24 -36.58 3.55 7.12
N VAL B 25 -35.46 4.26 7.10
CA VAL B 25 -35.34 5.47 6.30
C VAL B 25 -34.19 5.37 5.30
N LYS B 26 -34.07 6.38 4.44
CA LYS B 26 -33.02 6.40 3.44
C LYS B 26 -31.73 6.99 4.02
N LEU B 27 -30.59 6.45 3.59
CA LEU B 27 -29.30 6.91 4.06
C LEU B 27 -28.93 8.29 3.51
N THR B 28 -29.10 9.31 4.34
CA THR B 28 -28.73 10.67 3.97
C THR B 28 -27.82 11.28 5.03
N LYS B 29 -27.21 12.42 4.72
CA LYS B 29 -26.30 13.09 5.63
C LYS B 29 -27.02 13.59 6.88
N GLU B 30 -28.26 14.04 6.70
CA GLU B 30 -29.07 14.55 7.81
C GLU B 30 -29.57 13.43 8.71
N ASN B 31 -29.81 12.26 8.13
CA ASN B 31 -30.29 11.11 8.89
C ASN B 31 -29.21 10.55 9.80
N ILE B 32 -27.96 10.82 9.44
CA ILE B 32 -26.82 10.44 10.27
C ILE B 32 -26.71 11.38 11.47
N VAL B 33 -27.00 12.65 11.24
CA VAL B 33 -27.01 13.64 12.32
C VAL B 33 -28.10 13.30 13.34
N ALA B 34 -29.27 12.93 12.84
CA ALA B 34 -30.37 12.51 13.71
C ALA B 34 -30.01 11.19 14.40
N LEU B 35 -29.26 10.35 13.69
CA LEU B 35 -28.80 9.08 14.23
C LEU B 35 -27.86 9.27 15.42
N LEU B 36 -27.03 10.32 15.35
CA LEU B 36 -25.99 10.53 16.34
C LEU B 36 -26.40 11.47 17.47
N THR B 37 -27.39 12.31 17.23
CA THR B 37 -27.74 13.34 18.19
C THR B 37 -29.11 13.12 18.85
N GLN B 38 -29.88 12.17 18.33
CA GLN B 38 -31.19 11.88 18.90
C GLN B 38 -31.24 10.48 19.50
N GLY B 39 -32.32 10.17 20.22
CA GLY B 39 -32.47 8.89 20.87
C GLY B 39 -33.46 7.94 20.23
N LYS B 40 -34.11 8.39 19.16
CA LYS B 40 -35.12 7.57 18.49
C LYS B 40 -34.47 6.42 17.72
N ASP B 41 -35.16 5.29 17.65
CA ASP B 41 -34.69 4.16 16.85
C ASP B 41 -34.68 4.53 15.38
N LEU B 42 -33.50 4.45 14.76
CA LEU B 42 -33.31 4.90 13.40
C LEU B 42 -32.56 3.83 12.58
N GLU B 43 -33.15 3.44 11.45
CA GLU B 43 -32.54 2.44 10.59
C GLU B 43 -32.42 2.93 9.15
N PHE B 44 -31.44 2.38 8.43
CA PHE B 44 -31.22 2.73 7.03
C PHE B 44 -31.64 1.61 6.10
N ASN B 54 -19.66 -4.69 -12.52
CA ASN B 54 -19.70 -5.68 -13.59
C ASN B 54 -19.10 -5.15 -14.89
N PHE B 55 -17.88 -5.58 -15.19
CA PHE B 55 -17.16 -5.09 -16.36
C PHE B 55 -17.79 -5.58 -17.66
N LYS B 56 -18.47 -6.72 -17.59
CA LYS B 56 -19.16 -7.27 -18.75
C LYS B 56 -20.17 -6.26 -19.29
N THR B 57 -20.91 -5.63 -18.39
CA THR B 57 -21.81 -4.55 -18.75
C THR B 57 -21.03 -3.32 -19.21
N PHE B 58 -19.98 -2.98 -18.46
CA PHE B 58 -19.13 -1.85 -18.77
C PHE B 58 -18.52 -1.97 -20.17
N CYS B 59 -18.17 -3.19 -20.55
CA CYS B 59 -17.54 -3.44 -21.84
C CYS B 59 -18.51 -3.14 -22.98
N LEU B 60 -19.72 -3.68 -22.87
CA LEU B 60 -20.73 -3.52 -23.92
C LEU B 60 -21.07 -2.05 -24.18
N GLU B 61 -20.90 -1.21 -23.16
CA GLU B 61 -21.29 0.19 -23.26
C GLU B 61 -20.15 1.13 -23.67
N ASN B 62 -18.90 0.69 -23.48
CA ASN B 62 -17.75 1.54 -23.76
C ASN B 62 -16.80 0.99 -24.82
N LEU B 63 -17.06 -0.21 -25.31
CA LEU B 63 -16.18 -0.84 -26.29
C LEU B 63 -16.28 -0.14 -27.63
N ASP B 64 -17.49 0.26 -27.98
CA ASP B 64 -17.75 0.95 -29.24
C ASP B 64 -16.99 2.27 -29.32
N GLN B 65 -16.74 2.88 -28.17
CA GLN B 65 -16.06 4.16 -28.10
C GLN B 65 -14.60 4.05 -28.52
N ILE B 66 -13.95 2.96 -28.13
CA ILE B 66 -12.53 2.76 -28.44
C ILE B 66 -12.31 2.00 -29.74
N LYS B 67 -13.41 1.61 -30.40
CA LYS B 67 -13.31 0.87 -31.66
C LYS B 67 -12.84 1.75 -32.81
N LYS B 68 -12.91 3.07 -32.63
CA LYS B 68 -12.49 3.98 -33.68
C LYS B 68 -10.96 4.13 -33.67
N MET B 69 -10.31 3.47 -32.71
CA MET B 69 -8.86 3.43 -32.66
C MET B 69 -8.30 2.52 -33.75
N SER B 70 -7.02 2.66 -34.02
CA SER B 70 -6.35 1.78 -34.97
C SER B 70 -5.87 0.52 -34.26
N ILE B 71 -5.76 -0.56 -35.01
CA ILE B 71 -5.24 -1.83 -34.48
C ILE B 71 -3.83 -1.65 -33.93
N ILE B 72 -2.98 -0.94 -34.67
CA ILE B 72 -1.61 -0.65 -34.25
C ILE B 72 -1.58 0.24 -33.01
N SER B 73 -2.49 1.20 -32.97
CA SER B 73 -2.60 2.12 -31.85
C SER B 73 -2.93 1.38 -30.55
N CYS B 74 -3.74 0.33 -30.68
CA CYS B 74 -4.07 -0.52 -29.55
C CYS B 74 -2.84 -1.27 -29.06
N LEU B 75 -2.07 -1.79 -30.02
CA LEU B 75 -0.87 -2.56 -29.72
C LEU B 75 0.22 -1.66 -29.15
N THR B 76 0.18 -0.39 -29.53
CA THR B 76 1.12 0.61 -29.02
C THR B 76 0.82 0.91 -27.55
N PHE B 77 -0.48 1.03 -27.24
CA PHE B 77 -0.92 1.25 -25.87
C PHE B 77 -0.43 0.13 -24.95
N LEU B 78 -0.53 -1.11 -25.43
CA LEU B 78 -0.07 -2.27 -24.67
C LEU B 78 1.44 -2.26 -24.48
N LYS B 79 2.17 -1.96 -25.55
CA LYS B 79 3.63 -1.96 -25.50
C LYS B 79 4.19 -0.91 -24.54
N ASN B 80 3.53 0.24 -24.50
CA ASN B 80 3.99 1.33 -23.65
C ASN B 80 3.03 1.59 -22.51
N ARG B 81 2.47 0.51 -21.98
CA ARG B 81 1.46 0.59 -20.92
C ARG B 81 1.98 1.35 -19.70
N GLN B 82 3.12 0.92 -19.19
CA GLN B 82 3.70 1.50 -17.97
C GLN B 82 4.05 2.96 -18.18
N SER B 83 4.62 3.28 -19.33
CA SER B 83 4.99 4.65 -19.67
C SER B 83 3.75 5.53 -19.81
N ILE B 84 2.75 5.01 -20.51
CA ILE B 84 1.47 5.71 -20.68
C ILE B 84 0.78 5.84 -19.32
N MET B 85 0.87 4.80 -18.51
CA MET B 85 0.23 4.75 -17.19
C MET B 85 0.62 5.95 -16.33
N LYS B 86 1.91 6.26 -16.32
CA LYS B 86 2.41 7.38 -15.54
C LYS B 86 1.78 8.69 -15.99
N VAL B 87 1.64 8.86 -17.30
CA VAL B 87 1.08 10.07 -17.87
C VAL B 87 -0.41 10.22 -17.58
N ILE B 88 -1.15 9.11 -17.66
CA ILE B 88 -2.58 9.12 -17.36
C ILE B 88 -2.83 9.49 -15.89
N LYS B 89 -1.95 9.03 -15.01
CA LYS B 89 -2.10 9.25 -13.58
C LYS B 89 -1.62 10.63 -13.16
N GLN B 90 -0.97 11.35 -14.08
CA GLN B 90 -0.45 12.68 -13.79
C GLN B 90 -1.56 13.63 -13.34
N SER B 91 -2.68 13.61 -14.05
CA SER B 91 -3.80 14.47 -13.76
C SER B 91 -5.10 13.86 -14.30
N ASP B 92 -6.21 14.59 -14.13
CA ASP B 92 -7.47 14.16 -14.72
C ASP B 92 -7.32 14.06 -16.24
N PHE B 93 -7.11 12.85 -16.73
CA PHE B 93 -6.87 12.63 -18.14
C PHE B 93 -8.18 12.52 -18.91
N THR B 94 -8.37 13.44 -19.85
CA THR B 94 -9.60 13.46 -20.64
C THR B 94 -9.33 13.27 -22.13
N PHE B 95 -10.02 12.30 -22.72
CA PHE B 95 -9.96 12.07 -24.16
C PHE B 95 -11.39 11.91 -24.67
N GLY B 96 -11.79 12.78 -25.59
CA GLY B 96 -13.17 12.83 -26.04
C GLY B 96 -14.09 13.21 -24.91
N LYS B 97 -15.17 12.44 -24.74
CA LYS B 97 -16.12 12.67 -23.66
C LYS B 97 -15.75 11.95 -22.37
N ILE B 98 -14.78 11.04 -22.45
CA ILE B 98 -14.38 10.25 -21.30
C ILE B 98 -13.22 10.90 -20.53
N THR B 99 -13.32 10.89 -19.21
CA THR B 99 -12.29 11.47 -18.36
C THR B 99 -11.88 10.53 -17.21
N ILE B 100 -10.58 10.28 -17.09
CA ILE B 100 -10.05 9.46 -16.01
C ILE B 100 -9.58 10.33 -14.85
N LYS B 101 -10.31 10.28 -13.74
CA LYS B 101 -10.06 11.15 -12.60
C LYS B 101 -8.79 10.79 -11.83
N LYS B 102 -8.19 11.81 -11.22
CA LYS B 102 -7.00 11.64 -10.39
C LYS B 102 -7.36 10.95 -9.07
N THR B 103 -8.52 11.29 -8.54
CA THR B 103 -9.01 10.71 -7.29
C THR B 103 -9.30 9.22 -7.44
N SER B 104 -8.43 8.39 -6.88
CA SER B 104 -8.60 6.94 -6.92
C SER B 104 -9.81 6.50 -6.09
N ASP B 105 -10.14 7.27 -5.07
CA ASP B 105 -11.26 6.96 -4.19
C ASP B 105 -12.58 7.30 -4.84
N ARG B 106 -13.63 6.56 -4.47
CA ARG B 106 -14.97 6.80 -5.00
C ARG B 106 -15.03 6.75 -6.53
N ILE B 107 -14.97 5.53 -7.06
CA ILE B 107 -15.09 5.28 -8.50
C ILE B 107 -16.40 4.58 -8.85
N GLY B 108 -17.20 5.21 -9.70
CA GLY B 108 -18.50 4.66 -10.06
C GLY B 108 -18.42 3.56 -11.10
N ALA B 109 -19.53 2.85 -11.28
CA ALA B 109 -19.61 1.78 -12.28
C ALA B 109 -19.53 2.32 -13.71
N THR B 110 -19.71 3.63 -13.86
CA THR B 110 -19.63 4.27 -15.17
C THR B 110 -18.25 4.90 -15.35
N ASP B 111 -17.62 5.26 -14.24
CA ASP B 111 -16.34 5.95 -14.25
C ASP B 111 -15.25 5.12 -14.93
N MET B 112 -14.34 5.81 -15.60
CA MET B 112 -13.28 5.14 -16.35
C MET B 112 -11.95 5.20 -15.63
N THR B 113 -11.41 4.03 -15.31
CA THR B 113 -10.09 3.93 -14.70
C THR B 113 -9.08 3.54 -15.78
N PHE B 114 -7.81 3.62 -15.46
CA PHE B 114 -6.77 3.24 -16.42
C PHE B 114 -6.84 1.75 -16.73
N ARG B 115 -7.00 0.95 -15.67
CA ARG B 115 -7.09 -0.49 -15.81
C ARG B 115 -8.32 -0.92 -16.62
N ARG B 116 -9.43 -0.20 -16.45
CA ARG B 116 -10.64 -0.48 -17.22
C ARG B 116 -10.45 -0.10 -18.68
N LEU B 117 -9.68 0.96 -18.93
CA LEU B 117 -9.36 1.35 -20.29
C LEU B 117 -8.43 0.31 -20.91
N ASP B 118 -7.42 -0.09 -20.14
CA ASP B 118 -6.46 -1.10 -20.57
C ASP B 118 -7.16 -2.41 -20.89
N SER B 119 -8.13 -2.78 -20.07
CA SER B 119 -8.85 -4.03 -20.24
C SER B 119 -9.69 -4.00 -21.52
N LEU B 120 -10.36 -2.88 -21.77
CA LEU B 120 -11.16 -2.73 -22.98
C LEU B 120 -10.34 -2.89 -24.24
N ILE B 121 -9.14 -2.30 -24.24
CA ILE B 121 -8.26 -2.35 -25.39
C ILE B 121 -7.78 -3.77 -25.70
N ARG B 122 -7.56 -4.55 -24.65
CA ARG B 122 -7.20 -5.95 -24.84
C ARG B 122 -8.37 -6.76 -25.35
N VAL B 123 -9.55 -6.51 -24.78
CA VAL B 123 -10.77 -7.17 -25.23
C VAL B 123 -11.02 -6.83 -26.69
N ARG B 124 -10.81 -5.57 -27.04
CA ARG B 124 -10.93 -5.10 -28.42
C ARG B 124 -9.95 -5.84 -29.33
N LEU B 125 -8.71 -5.98 -28.87
CA LEU B 125 -7.66 -6.63 -29.65
C LEU B 125 -7.94 -8.11 -29.87
N VAL B 126 -8.52 -8.76 -28.87
CA VAL B 126 -8.87 -10.18 -28.96
C VAL B 126 -10.02 -10.39 -29.94
N GLU B 127 -10.97 -9.46 -29.92
CA GLU B 127 -12.09 -9.51 -30.87
C GLU B 127 -11.60 -9.46 -32.31
N GLU B 128 -10.51 -8.75 -32.54
CA GLU B 128 -9.92 -8.62 -33.86
C GLU B 128 -9.04 -9.82 -34.23
N THR B 129 -8.92 -10.76 -33.30
CA THR B 129 -8.14 -11.97 -33.55
C THR B 129 -9.01 -12.96 -34.35
N GLY B 130 -10.26 -12.57 -34.55
CA GLY B 130 -11.19 -13.37 -35.34
C GLY B 130 -11.01 -13.09 -36.82
N ASN B 131 -10.24 -12.06 -37.14
CA ASN B 131 -9.89 -11.74 -38.51
C ASN B 131 -8.46 -12.13 -38.84
N SER B 132 -8.26 -12.77 -40.00
CA SER B 132 -6.95 -13.31 -40.36
C SER B 132 -5.93 -12.22 -40.70
N GLU B 133 -6.40 -11.13 -41.31
CA GLU B 133 -5.52 -10.01 -41.64
C GLU B 133 -4.97 -9.36 -40.37
N ASN B 134 -5.85 -9.13 -39.41
CA ASN B 134 -5.47 -8.56 -38.12
C ASN B 134 -4.60 -9.52 -37.32
N LEU B 135 -4.88 -10.82 -37.44
CA LEU B 135 -4.12 -11.83 -36.73
C LEU B 135 -2.63 -11.79 -37.07
N ASN B 136 -2.33 -11.56 -38.33
CA ASN B 136 -0.94 -11.45 -38.77
C ASN B 136 -0.34 -10.12 -38.34
N THR B 137 -1.18 -9.10 -38.31
CA THR B 137 -0.77 -7.78 -37.85
C THR B 137 -0.42 -7.77 -36.37
N ILE B 138 -1.33 -8.32 -35.56
CA ILE B 138 -1.12 -8.39 -34.11
C ILE B 138 0.09 -9.26 -33.76
N LYS B 139 0.14 -10.44 -34.37
CA LYS B 139 1.22 -11.40 -34.14
C LYS B 139 2.60 -10.81 -34.42
N SER B 140 2.71 -10.02 -35.47
CA SER B 140 3.98 -9.39 -35.85
C SER B 140 4.41 -8.33 -34.85
N LYS B 141 3.48 -7.46 -34.47
CA LYS B 141 3.80 -6.33 -33.59
C LYS B 141 4.02 -6.75 -32.15
N ILE B 142 3.17 -7.66 -31.65
CA ILE B 142 3.18 -8.01 -30.24
C ILE B 142 4.33 -8.96 -29.89
N ALA B 143 5.01 -9.46 -30.92
CA ALA B 143 6.15 -10.34 -30.71
C ALA B 143 7.35 -9.57 -30.16
N SER B 144 7.31 -8.25 -30.30
CA SER B 144 8.39 -7.40 -29.84
C SER B 144 8.09 -6.81 -28.47
N HIS B 145 6.86 -7.01 -27.99
CA HIS B 145 6.43 -6.46 -26.71
C HIS B 145 7.23 -7.10 -25.57
N PRO B 146 7.58 -6.30 -24.55
CA PRO B 146 8.42 -6.71 -23.42
C PRO B 146 7.93 -7.97 -22.72
N LEU B 147 6.63 -8.01 -22.41
CA LEU B 147 6.06 -9.11 -21.65
C LEU B 147 6.05 -10.42 -22.43
N ILE B 148 5.90 -10.33 -23.75
CA ILE B 148 5.88 -11.52 -24.61
C ILE B 148 7.25 -12.20 -24.59
N GLN B 149 8.30 -11.40 -24.64
CA GLN B 149 9.66 -11.90 -24.62
C GLN B 149 10.07 -12.40 -23.24
N ALA B 150 9.63 -11.69 -22.20
CA ALA B 150 9.94 -12.08 -20.83
C ALA B 150 9.31 -13.41 -20.47
N TYR B 151 8.10 -13.64 -20.97
CA TYR B 151 7.40 -14.91 -20.76
C TYR B 151 7.97 -15.98 -21.69
N GLY B 152 8.64 -15.55 -22.75
CA GLY B 152 9.15 -16.45 -23.75
C GLY B 152 8.03 -17.18 -24.44
N LEU B 153 6.95 -16.45 -24.74
CA LEU B 153 5.74 -17.02 -25.31
C LEU B 153 5.88 -17.26 -26.81
N PRO B 154 5.70 -18.52 -27.22
CA PRO B 154 5.68 -18.90 -28.64
C PRO B 154 4.41 -18.44 -29.35
N LEU B 155 4.56 -17.62 -30.38
CA LEU B 155 3.42 -17.07 -31.09
C LEU B 155 3.16 -17.81 -32.40
N ASP B 156 2.47 -18.95 -32.29
CA ASP B 156 2.24 -19.80 -33.45
C ASP B 156 0.82 -19.64 -33.99
N ASP B 157 -0.17 -20.14 -33.23
CA ASP B 157 -1.56 -20.12 -33.67
C ASP B 157 -2.32 -18.94 -33.06
N ALA B 158 -3.63 -18.91 -33.31
CA ALA B 158 -4.48 -17.81 -32.88
C ALA B 158 -4.58 -17.71 -31.36
N LYS B 159 -4.59 -18.86 -30.70
CA LYS B 159 -4.72 -18.90 -29.24
C LYS B 159 -3.48 -18.36 -28.54
N SER B 160 -2.32 -18.57 -29.14
CA SER B 160 -1.07 -18.08 -28.56
C SER B 160 -0.98 -16.56 -28.69
N VAL B 161 -1.53 -16.02 -29.77
CA VAL B 161 -1.56 -14.58 -29.98
C VAL B 161 -2.50 -13.94 -28.98
N ARG B 162 -3.64 -14.59 -28.73
CA ARG B 162 -4.62 -14.11 -27.76
C ARG B 162 -4.01 -14.08 -26.37
N LEU B 163 -3.23 -15.10 -26.05
CA LEU B 163 -2.51 -15.14 -24.77
C LEU B 163 -1.56 -13.97 -24.65
N ALA B 164 -0.90 -13.63 -25.75
CA ALA B 164 0.06 -12.52 -25.76
C ALA B 164 -0.62 -11.20 -25.41
N ILE B 165 -1.81 -11.00 -25.95
CA ILE B 165 -2.59 -9.81 -25.68
C ILE B 165 -3.02 -9.78 -24.21
N MET B 166 -3.16 -10.97 -23.62
CA MET B 166 -3.64 -11.08 -22.24
C MET B 166 -2.55 -10.71 -21.23
N LEU B 167 -1.30 -10.93 -21.62
CA LEU B 167 -0.16 -10.65 -20.75
C LEU B 167 -0.15 -9.21 -20.24
N GLY B 168 -0.22 -9.05 -18.92
CA GLY B 168 -0.19 -7.73 -18.31
C GLY B 168 -1.57 -7.15 -18.07
N GLY B 169 -2.59 -7.87 -18.49
CA GLY B 169 -3.96 -7.39 -18.37
C GLY B 169 -4.59 -7.65 -17.02
N SER B 170 -5.66 -6.91 -16.72
CA SER B 170 -6.41 -7.11 -15.49
C SER B 170 -7.29 -8.35 -15.61
N LEU B 171 -6.75 -9.48 -15.18
CA LEU B 171 -7.42 -10.77 -15.35
C LEU B 171 -8.83 -10.87 -14.72
N PRO B 172 -9.01 -10.38 -13.48
CA PRO B 172 -10.37 -10.49 -12.93
C PRO B 172 -11.39 -9.66 -13.69
N LEU B 173 -10.95 -8.54 -14.26
CA LEU B 173 -11.83 -7.69 -15.07
C LEU B 173 -12.24 -8.40 -16.36
N ILE B 174 -11.25 -8.89 -17.10
CA ILE B 174 -11.49 -9.53 -18.38
C ILE B 174 -12.30 -10.81 -18.21
N ALA B 175 -12.15 -11.45 -17.05
CA ALA B 175 -12.85 -12.70 -16.74
C ALA B 175 -14.37 -12.57 -16.79
N SER B 176 -14.88 -11.35 -16.65
CA SER B 176 -16.32 -11.12 -16.64
C SER B 176 -16.91 -11.14 -18.05
N VAL B 177 -16.09 -10.80 -19.03
CA VAL B 177 -16.51 -10.88 -20.43
C VAL B 177 -16.65 -12.33 -20.85
N ASP B 178 -17.72 -12.64 -21.59
CA ASP B 178 -18.01 -14.00 -22.00
C ASP B 178 -16.92 -14.57 -22.91
N SER B 179 -16.66 -15.87 -22.76
CA SER B 179 -15.65 -16.62 -23.53
C SER B 179 -14.21 -16.27 -23.10
N PHE B 180 -14.08 -15.38 -22.13
CA PHE B 180 -12.77 -14.98 -21.62
C PHE B 180 -12.48 -15.60 -20.26
N GLU B 181 -13.38 -16.46 -19.80
CA GLU B 181 -13.27 -17.05 -18.47
C GLU B 181 -12.06 -17.96 -18.34
N MET B 182 -11.95 -18.92 -19.25
CA MET B 182 -10.89 -19.92 -19.18
C MET B 182 -9.51 -19.30 -19.41
N ILE B 183 -9.40 -18.43 -20.40
CA ILE B 183 -8.12 -17.82 -20.73
C ILE B 183 -7.62 -16.93 -19.59
N SER B 184 -8.55 -16.42 -18.79
CA SER B 184 -8.20 -15.59 -17.65
C SER B 184 -7.73 -16.43 -16.46
N VAL B 185 -8.43 -17.51 -16.19
CA VAL B 185 -8.14 -18.33 -15.02
C VAL B 185 -6.93 -19.25 -15.26
N VAL B 186 -6.75 -19.69 -16.50
CA VAL B 186 -5.60 -20.54 -16.84
C VAL B 186 -4.30 -19.73 -16.76
N LEU B 187 -4.35 -18.49 -17.22
CA LEU B 187 -3.20 -17.60 -17.17
C LEU B 187 -2.92 -17.18 -15.72
N ALA B 188 -3.99 -17.07 -14.93
CA ALA B 188 -3.87 -16.74 -13.51
C ALA B 188 -3.23 -17.91 -12.76
N ILE B 189 -3.64 -19.12 -13.10
CA ILE B 189 -3.04 -20.33 -12.54
C ILE B 189 -1.55 -20.39 -12.85
N TYR B 190 -1.20 -20.10 -14.10
CA TYR B 190 0.18 -20.14 -14.56
C TYR B 190 1.07 -19.12 -13.83
N GLN B 191 0.51 -17.95 -13.56
CA GLN B 191 1.26 -16.89 -12.89
C GLN B 191 1.54 -17.24 -11.43
N ASP B 192 0.69 -18.09 -10.84
CA ASP B 192 0.88 -18.52 -9.46
C ASP B 192 1.94 -19.62 -9.38
N ALA B 193 1.93 -20.50 -10.37
CA ALA B 193 2.87 -21.62 -10.41
C ALA B 193 4.29 -21.16 -10.72
N LYS B 194 4.42 -20.29 -11.71
CA LYS B 194 5.72 -19.87 -12.21
C LYS B 194 6.06 -18.43 -11.80
N TYR B 195 5.55 -18.00 -10.65
CA TYR B 195 5.71 -16.62 -10.21
C TYR B 195 7.17 -16.24 -10.00
N LYS B 196 7.96 -17.22 -9.58
CA LYS B 196 9.39 -16.99 -9.35
C LYS B 196 10.12 -16.84 -10.68
N ASP B 197 9.78 -17.72 -11.62
CA ASP B 197 10.44 -17.74 -12.93
C ASP B 197 10.12 -16.50 -13.76
N LEU B 198 8.95 -15.91 -13.50
CA LEU B 198 8.50 -14.75 -14.25
C LEU B 198 9.03 -13.44 -13.64
N GLY B 199 9.71 -13.57 -12.51
CA GLY B 199 10.25 -12.41 -11.83
C GLY B 199 9.18 -11.52 -11.26
N ILE B 200 8.10 -12.13 -10.76
CA ILE B 200 7.02 -11.38 -10.15
C ILE B 200 7.24 -11.19 -8.66
N ASP B 201 7.34 -9.93 -8.24
CA ASP B 201 7.55 -9.59 -6.84
C ASP B 201 6.28 -9.83 -6.04
N PRO B 202 6.34 -10.79 -5.08
CA PRO B 202 5.18 -11.17 -4.27
C PRO B 202 4.65 -10.00 -3.43
N LYS B 203 5.51 -9.02 -3.15
CA LYS B 203 5.13 -7.87 -2.34
C LYS B 203 4.22 -6.91 -3.08
N LYS B 204 4.34 -6.88 -4.42
CA LYS B 204 3.52 -5.98 -5.21
C LYS B 204 2.25 -6.64 -5.73
N TYR B 205 2.32 -7.94 -5.97
CA TYR B 205 1.20 -8.66 -6.58
C TYR B 205 1.00 -10.01 -5.92
N ASP B 206 -0.04 -10.13 -5.10
CA ASP B 206 -0.37 -11.40 -4.48
C ASP B 206 -0.92 -12.32 -5.55
N THR B 207 -0.06 -13.21 -6.06
CA THR B 207 -0.39 -14.05 -7.19
C THR B 207 -1.38 -15.15 -6.82
N LYS B 208 -1.52 -15.41 -5.52
CA LYS B 208 -2.52 -16.36 -5.05
C LYS B 208 -3.88 -15.68 -4.96
N GLU B 209 -3.86 -14.43 -4.52
CA GLU B 209 -5.07 -13.61 -4.43
C GLU B 209 -5.66 -13.37 -5.81
N ALA B 210 -4.78 -13.24 -6.81
CA ALA B 210 -5.20 -12.99 -8.18
C ALA B 210 -6.08 -14.11 -8.73
N LEU B 211 -5.65 -15.34 -8.51
CA LEU B 211 -6.42 -16.51 -8.96
C LEU B 211 -7.77 -16.56 -8.25
N GLY B 212 -7.78 -16.16 -6.99
CA GLY B 212 -9.00 -16.13 -6.20
C GLY B 212 -10.02 -15.16 -6.73
N LYS B 213 -9.56 -13.97 -7.12
CA LYS B 213 -10.44 -12.93 -7.63
C LYS B 213 -11.07 -13.33 -8.97
N VAL B 214 -10.30 -14.05 -9.78
CA VAL B 214 -10.80 -14.55 -11.05
C VAL B 214 -11.93 -15.55 -10.83
N CYS B 215 -11.72 -16.44 -9.87
CA CYS B 215 -12.71 -17.47 -9.53
C CYS B 215 -14.00 -16.87 -8.98
N THR B 216 -13.88 -15.81 -8.20
CA THR B 216 -15.03 -15.10 -7.67
C THR B 216 -15.91 -14.55 -8.79
N VAL B 217 -15.26 -14.02 -9.83
CA VAL B 217 -15.97 -13.51 -10.99
C VAL B 217 -16.72 -14.62 -11.72
N LEU B 218 -16.03 -15.75 -11.90
CA LEU B 218 -16.60 -16.88 -12.63
C LEU B 218 -17.75 -17.51 -11.85
N LYS B 219 -17.60 -17.61 -10.55
CA LYS B 219 -18.64 -18.18 -9.69
C LYS B 219 -19.84 -17.24 -9.57
N SER B 220 -19.59 -15.94 -9.74
CA SER B 220 -20.64 -14.94 -9.64
C SER B 220 -21.62 -15.03 -10.82
N LYS B 221 -21.11 -15.39 -11.99
CA LYS B 221 -21.96 -15.53 -13.17
C LYS B 221 -22.22 -17.00 -13.47
N ALA B 222 -22.09 -17.84 -12.45
CA ALA B 222 -22.35 -19.28 -12.53
C ALA B 222 -21.69 -19.96 -13.72
N PHE B 223 -20.40 -19.74 -13.89
CA PHE B 223 -19.65 -20.39 -14.96
C PHE B 223 -19.32 -21.82 -14.57
N GLU B 224 -19.69 -22.77 -15.43
CA GLU B 224 -19.47 -24.18 -15.15
C GLU B 224 -18.36 -24.75 -16.04
N MET B 225 -17.33 -25.30 -15.41
CA MET B 225 -16.20 -25.86 -16.14
C MET B 225 -16.47 -27.29 -16.58
N ASN B 226 -17.31 -27.44 -17.60
CA ASN B 226 -17.61 -28.74 -18.19
C ASN B 226 -16.47 -29.23 -19.07
N GLU B 227 -16.71 -30.32 -19.78
CA GLU B 227 -15.69 -30.94 -20.62
C GLU B 227 -15.22 -30.03 -21.75
N ASP B 228 -16.14 -29.25 -22.31
CA ASP B 228 -15.82 -28.35 -23.41
C ASP B 228 -14.91 -27.20 -22.97
N GLN B 229 -15.20 -26.63 -21.81
CA GLN B 229 -14.41 -25.52 -21.28
C GLN B 229 -13.01 -25.92 -20.83
N VAL B 230 -12.92 -27.05 -20.12
CA VAL B 230 -11.64 -27.53 -19.65
C VAL B 230 -10.76 -27.92 -20.83
N LYS B 231 -11.39 -28.45 -21.87
CA LYS B 231 -10.71 -28.77 -23.12
C LYS B 231 -10.04 -27.53 -23.70
N LYS B 232 -10.75 -26.41 -23.70
CA LYS B 232 -10.22 -25.15 -24.20
C LYS B 232 -9.03 -24.68 -23.37
N GLY B 233 -9.20 -24.73 -22.05
CA GLY B 233 -8.17 -24.33 -21.11
C GLY B 233 -6.88 -25.11 -21.27
N LYS B 234 -7.02 -26.41 -21.51
CA LYS B 234 -5.86 -27.28 -21.68
C LYS B 234 -5.07 -26.91 -22.94
N GLU B 235 -5.78 -26.42 -23.95
CA GLU B 235 -5.11 -25.95 -25.17
C GLU B 235 -4.31 -24.69 -24.87
N TYR B 236 -4.87 -23.82 -24.02
CA TYR B 236 -4.16 -22.64 -23.54
C TYR B 236 -2.99 -23.04 -22.65
N ALA B 237 -3.25 -23.98 -21.75
CA ALA B 237 -2.23 -24.44 -20.80
C ALA B 237 -1.07 -25.11 -21.52
N ALA B 238 -1.36 -25.74 -22.66
CA ALA B 238 -0.33 -26.37 -23.49
C ALA B 238 0.64 -25.32 -24.00
N ILE B 239 0.11 -24.17 -24.41
CA ILE B 239 0.92 -23.06 -24.90
C ILE B 239 1.75 -22.45 -23.77
N LEU B 240 1.15 -22.37 -22.59
CA LEU B 240 1.83 -21.80 -21.43
C LEU B 240 2.94 -22.71 -20.92
N SER B 241 2.75 -24.02 -21.09
CA SER B 241 3.77 -24.99 -20.68
C SER B 241 5.01 -24.89 -21.57
N SER B 242 4.79 -24.69 -22.86
CA SER B 242 5.88 -24.64 -23.83
C SER B 242 6.65 -23.32 -23.78
N SER B 243 6.18 -22.39 -22.96
CA SER B 243 6.80 -21.07 -22.85
C SER B 243 8.04 -21.12 -21.96
N ASN B 244 8.93 -20.14 -22.14
CA ASN B 244 10.19 -20.10 -21.42
C ASN B 244 10.27 -18.90 -20.47
N SER B 250 17.72 -8.32 -11.61
CA SER B 250 18.22 -7.08 -12.19
C SER B 250 19.60 -7.27 -12.80
N VAL B 251 19.94 -6.45 -13.77
CA VAL B 251 21.22 -6.55 -14.49
C VAL B 251 22.36 -5.91 -13.71
N ALA B 252 22.12 -4.71 -13.20
CA ALA B 252 23.14 -3.95 -12.48
C ALA B 252 23.59 -4.65 -11.19
N MET B 253 22.69 -5.45 -10.63
CA MET B 253 22.99 -6.20 -9.42
C MET B 253 23.85 -7.43 -9.73
N GLU B 254 23.69 -7.98 -10.92
CA GLU B 254 24.46 -9.14 -11.36
C GLU B 254 25.94 -8.79 -11.50
N HIS B 255 26.21 -7.52 -11.77
CA HIS B 255 27.58 -7.04 -11.95
C HIS B 255 28.36 -7.02 -10.64
N TYR B 256 27.69 -6.62 -9.57
CA TYR B 256 28.33 -6.51 -8.26
C TYR B 256 27.92 -7.64 -7.33
N SER B 257 27.26 -8.66 -7.88
CA SER B 257 26.66 -9.73 -7.08
C SER B 257 27.66 -10.52 -6.24
N GLU B 258 28.85 -10.76 -6.77
CA GLU B 258 29.84 -11.58 -6.08
C GLU B 258 30.32 -10.93 -4.77
N THR B 259 30.51 -9.62 -4.81
CA THR B 259 30.99 -8.87 -3.65
C THR B 259 29.82 -8.41 -2.78
N LEU B 260 28.62 -8.41 -3.37
CA LEU B 260 27.42 -7.96 -2.68
C LEU B 260 26.99 -8.95 -1.60
N ASN B 261 27.07 -10.24 -1.94
CA ASN B 261 26.59 -11.29 -1.05
C ASN B 261 27.35 -11.37 0.27
N LYS B 262 28.58 -10.86 0.28
CA LYS B 262 29.41 -10.87 1.48
C LYS B 262 28.77 -10.03 2.59
N PHE B 263 28.18 -8.91 2.21
CA PHE B 263 27.49 -8.05 3.16
C PHE B 263 26.16 -8.66 3.57
N TYR B 264 25.56 -9.44 2.67
CA TYR B 264 24.32 -10.15 2.94
C TYR B 264 24.51 -11.22 4.01
N GLU B 265 25.77 -11.59 4.25
CA GLU B 265 26.10 -12.62 5.23
C GLU B 265 27.07 -12.08 6.28
N SER C 23 4.66 8.73 -38.90
CA SER C 23 5.01 7.42 -38.36
C SER C 23 5.08 7.46 -36.84
N LYS C 24 6.29 7.32 -36.30
CA LYS C 24 6.50 7.37 -34.86
C LYS C 24 6.51 8.80 -34.33
N VAL C 25 5.87 8.99 -33.18
CA VAL C 25 5.81 10.30 -32.54
C VAL C 25 6.36 10.21 -31.12
N LYS C 26 6.48 11.35 -30.45
CA LYS C 26 6.98 11.37 -29.08
C LYS C 26 5.84 11.09 -28.10
N LEU C 27 6.15 10.40 -27.02
CA LEU C 27 5.15 10.10 -26.01
C LEU C 27 4.80 11.36 -25.23
N THR C 28 3.67 11.96 -25.58
CA THR C 28 3.17 13.15 -24.89
C THR C 28 1.72 12.95 -24.46
N LYS C 29 1.22 13.85 -23.63
CA LYS C 29 -0.16 13.75 -23.14
C LYS C 29 -1.15 13.89 -24.29
N GLU C 30 -0.83 14.73 -25.26
CA GLU C 30 -1.70 14.94 -26.41
C GLU C 30 -1.67 13.73 -27.36
N ASN C 31 -0.52 13.06 -27.44
CA ASN C 31 -0.38 11.90 -28.31
C ASN C 31 -1.11 10.68 -27.79
N ILE C 32 -1.33 10.64 -26.47
CA ILE C 32 -2.11 9.56 -25.88
C ILE C 32 -3.60 9.81 -26.13
N VAL C 33 -4.01 11.08 -26.06
CA VAL C 33 -5.39 11.46 -26.38
C VAL C 33 -5.69 11.17 -27.85
N ALA C 34 -4.74 11.53 -28.70
CA ALA C 34 -4.85 11.28 -30.14
C ALA C 34 -4.83 9.79 -30.44
N LEU C 35 -4.09 9.04 -29.63
CA LEU C 35 -4.01 7.59 -29.75
C LEU C 35 -5.37 6.93 -29.58
N LEU C 36 -6.19 7.51 -28.70
CA LEU C 36 -7.46 6.91 -28.32
C LEU C 36 -8.64 7.45 -29.14
N THR C 37 -8.45 8.60 -29.76
CA THR C 37 -9.55 9.30 -30.43
C THR C 37 -9.48 9.31 -31.97
N GLN C 38 -8.37 8.86 -32.54
CA GLN C 38 -8.24 8.79 -34.00
C GLN C 38 -8.17 7.36 -34.49
N GLY C 39 -8.22 7.22 -35.81
CA GLY C 39 -8.15 5.91 -36.45
C GLY C 39 -6.81 5.67 -37.11
N LYS C 40 -5.94 6.67 -37.03
CA LYS C 40 -4.62 6.59 -37.64
C LYS C 40 -3.69 5.66 -36.86
N ASP C 41 -2.82 4.97 -37.59
CA ASP C 41 -1.79 4.13 -36.97
C ASP C 41 -0.79 5.01 -36.22
N LEU C 42 -0.64 4.75 -34.93
CA LEU C 42 0.19 5.60 -34.08
C LEU C 42 1.16 4.80 -33.23
N GLU C 43 2.45 5.16 -33.32
CA GLU C 43 3.49 4.52 -32.54
C GLU C 43 4.35 5.56 -31.81
N PHE C 44 4.97 5.14 -30.71
CA PHE C 44 5.82 6.03 -29.93
C PHE C 44 7.30 5.69 -30.11
N ASN C 54 21.30 12.89 -13.64
CA ASN C 54 22.53 12.77 -12.87
C ASN C 54 22.52 13.71 -11.66
N PHE C 55 22.53 13.13 -10.47
CA PHE C 55 22.37 13.90 -9.24
C PHE C 55 23.69 14.52 -8.76
N LYS C 56 24.80 13.89 -9.12
CA LYS C 56 26.12 14.41 -8.76
C LYS C 56 26.32 15.83 -9.28
N THR C 57 25.88 16.06 -10.51
CA THR C 57 25.91 17.40 -11.09
C THR C 57 24.93 18.33 -10.38
N PHE C 58 23.74 17.83 -10.10
CA PHE C 58 22.72 18.62 -9.39
C PHE C 58 23.22 19.04 -8.01
N CYS C 59 23.97 18.16 -7.36
CA CYS C 59 24.49 18.42 -6.02
C CYS C 59 25.53 19.53 -6.02
N LEU C 60 26.49 19.44 -6.92
CA LEU C 60 27.59 20.40 -7.00
C LEU C 60 27.10 21.84 -7.25
N GLU C 61 25.94 21.97 -7.89
CA GLU C 61 25.42 23.27 -8.27
C GLU C 61 24.44 23.85 -7.25
N ASN C 62 23.89 23.00 -6.39
CA ASN C 62 22.86 23.44 -5.45
C ASN C 62 23.26 23.29 -3.98
N LEU C 63 24.44 22.73 -3.74
CA LEU C 63 24.89 22.49 -2.37
C LEU C 63 25.25 23.79 -1.65
N ASP C 64 25.87 24.72 -2.38
CA ASP C 64 26.26 26.00 -1.82
C ASP C 64 25.07 26.82 -1.33
N GLN C 65 23.91 26.60 -1.96
CA GLN C 65 22.71 27.35 -1.62
C GLN C 65 22.23 26.99 -0.22
N ILE C 66 22.32 25.72 0.14
CA ILE C 66 21.85 25.25 1.45
C ILE C 66 22.97 25.28 2.50
N LYS C 67 24.16 25.70 2.09
CA LYS C 67 25.29 25.76 3.01
C LYS C 67 25.10 26.88 4.03
N LYS C 68 24.19 27.79 3.74
CA LYS C 68 23.92 28.90 4.66
C LYS C 68 22.98 28.46 5.78
N MET C 69 22.54 27.21 5.73
CA MET C 69 21.77 26.64 6.83
C MET C 69 22.66 26.36 8.01
N SER C 70 22.05 26.20 9.19
CA SER C 70 22.80 25.83 10.39
C SER C 70 22.90 24.32 10.50
N ILE C 71 23.93 23.84 11.19
CA ILE C 71 24.09 22.42 11.47
C ILE C 71 22.86 21.90 12.20
N ILE C 72 22.41 22.68 13.18
CA ILE C 72 21.21 22.37 13.93
C ILE C 72 19.97 22.41 13.01
N SER C 73 19.97 23.38 12.10
CA SER C 73 18.87 23.52 11.14
C SER C 73 18.79 22.31 10.22
N CYS C 74 19.95 21.76 9.87
CA CYS C 74 20.02 20.56 9.05
C CYS C 74 19.50 19.35 9.81
N LEU C 75 19.94 19.22 11.07
CA LEU C 75 19.54 18.09 11.90
C LEU C 75 18.07 18.17 12.27
N THR C 76 17.54 19.38 12.34
CA THR C 76 16.13 19.59 12.62
C THR C 76 15.28 19.15 11.43
N PHE C 77 15.74 19.49 10.22
CA PHE C 77 15.07 19.07 9.00
C PHE C 77 14.97 17.54 8.93
N LEU C 78 16.07 16.88 9.27
CA LEU C 78 16.13 15.43 9.30
C LEU C 78 15.20 14.87 10.38
N LYS C 79 15.25 15.50 11.55
CA LYS C 79 14.49 15.05 12.72
C LYS C 79 12.98 15.14 12.47
N ASN C 80 12.55 16.18 11.77
CA ASN C 80 11.13 16.39 11.50
C ASN C 80 10.80 16.24 10.02
N ARG C 81 11.46 15.29 9.37
CA ARG C 81 11.31 15.10 7.92
C ARG C 81 9.87 14.88 7.48
N GLN C 82 9.21 13.90 8.10
CA GLN C 82 7.85 13.53 7.71
C GLN C 82 6.87 14.67 7.93
N SER C 83 7.01 15.35 9.06
CA SER C 83 6.14 16.48 9.40
C SER C 83 6.38 17.66 8.46
N ILE C 84 7.65 17.97 8.20
CA ILE C 84 8.01 19.05 7.29
C ILE C 84 7.55 18.74 5.87
N MET C 85 7.68 17.48 5.47
CA MET C 85 7.29 17.03 4.13
C MET C 85 5.86 17.40 3.81
N LYS C 86 4.97 17.18 4.78
CA LYS C 86 3.55 17.47 4.62
C LYS C 86 3.31 18.93 4.29
N VAL C 87 4.05 19.81 4.96
CA VAL C 87 3.90 21.25 4.77
C VAL C 87 4.40 21.69 3.40
N ILE C 88 5.49 21.09 2.95
CA ILE C 88 6.04 21.38 1.63
C ILE C 88 5.07 20.96 0.53
N LYS C 89 4.38 19.85 0.75
CA LYS C 89 3.48 19.30 -0.26
C LYS C 89 2.09 19.96 -0.27
N GLN C 90 1.79 20.76 0.75
CA GLN C 90 0.50 21.43 0.82
C GLN C 90 0.30 22.35 -0.38
N SER C 91 1.34 23.09 -0.73
CA SER C 91 1.27 24.03 -1.85
C SER C 91 2.67 24.27 -2.41
N ASP C 92 2.76 25.13 -3.42
CA ASP C 92 4.05 25.52 -3.98
C ASP C 92 4.96 26.15 -2.94
N PHE C 93 5.88 25.36 -2.40
CA PHE C 93 6.76 25.85 -1.36
C PHE C 93 7.98 26.52 -1.97
N THR C 94 8.15 27.80 -1.68
CA THR C 94 9.28 28.56 -2.20
C THR C 94 10.14 29.09 -1.08
N PHE C 95 11.45 28.81 -1.15
CA PHE C 95 12.39 29.33 -0.18
C PHE C 95 13.58 29.93 -0.91
N GLY C 96 13.82 31.22 -0.70
CA GLY C 96 14.84 31.93 -1.43
C GLY C 96 14.51 31.96 -2.92
N LYS C 97 15.50 31.61 -3.73
CA LYS C 97 15.30 31.57 -5.18
C LYS C 97 14.77 30.21 -5.62
N ILE C 98 14.81 29.25 -4.70
CA ILE C 98 14.38 27.89 -5.00
C ILE C 98 12.90 27.69 -4.66
N THR C 99 12.18 27.02 -5.56
CA THR C 99 10.77 26.73 -5.34
C THR C 99 10.47 25.25 -5.60
N ILE C 100 9.81 24.62 -4.63
CA ILE C 100 9.44 23.22 -4.76
C ILE C 100 8.01 23.11 -5.29
N LYS C 101 7.89 22.64 -6.53
CA LYS C 101 6.60 22.61 -7.22
C LYS C 101 5.67 21.55 -6.66
N LYS C 102 4.37 21.80 -6.77
CA LYS C 102 3.36 20.86 -6.31
C LYS C 102 3.28 19.64 -7.22
N THR C 103 3.44 19.88 -8.52
CA THR C 103 3.43 18.82 -9.52
C THR C 103 4.65 17.90 -9.39
N SER C 104 4.42 16.67 -8.92
CA SER C 104 5.48 15.67 -8.84
C SER C 104 5.92 15.30 -10.25
N ASP C 105 5.00 15.47 -11.19
CA ASP C 105 5.23 15.12 -12.59
C ASP C 105 6.08 16.16 -13.31
N ARG C 106 6.85 15.69 -14.29
CA ARG C 106 7.73 16.51 -15.10
C ARG C 106 8.68 17.32 -14.22
N ILE C 107 9.72 16.68 -13.70
CA ILE C 107 10.72 17.40 -12.93
C ILE C 107 12.03 17.49 -13.70
N GLY C 108 12.48 18.72 -13.95
CA GLY C 108 13.67 18.95 -14.74
C GLY C 108 14.95 18.76 -13.94
N ALA C 109 16.07 18.73 -14.65
CA ALA C 109 17.37 18.58 -14.02
C ALA C 109 17.71 19.79 -13.15
N THR C 110 16.96 20.87 -13.33
CA THR C 110 17.13 22.09 -12.55
C THR C 110 16.11 22.14 -11.41
N ASP C 111 14.96 21.51 -11.64
CA ASP C 111 13.85 21.55 -10.70
C ASP C 111 14.18 20.92 -9.34
N MET C 112 13.61 21.49 -8.28
CA MET C 112 13.86 21.02 -6.93
C MET C 112 12.68 20.26 -6.35
N THR C 113 12.91 18.99 -6.01
CA THR C 113 11.90 18.19 -5.34
C THR C 113 12.24 18.08 -3.86
N PHE C 114 11.32 17.54 -3.06
CA PHE C 114 11.56 17.39 -1.63
C PHE C 114 12.70 16.41 -1.41
N ARG C 115 12.69 15.31 -2.17
CA ARG C 115 13.72 14.29 -2.08
C ARG C 115 15.10 14.85 -2.38
N ARG C 116 15.16 15.76 -3.36
CA ARG C 116 16.42 16.39 -3.73
C ARG C 116 16.88 17.37 -2.65
N LEU C 117 15.93 18.04 -2.02
CA LEU C 117 16.25 18.93 -0.90
C LEU C 117 16.72 18.14 0.31
N ASP C 118 15.98 17.07 0.61
CA ASP C 118 16.30 16.19 1.74
C ASP C 118 17.69 15.57 1.58
N SER C 119 18.01 15.15 0.37
CA SER C 119 19.29 14.49 0.09
C SER C 119 20.48 15.42 0.22
N LEU C 120 20.35 16.64 -0.29
CA LEU C 120 21.41 17.64 -0.20
C LEU C 120 21.81 17.92 1.23
N ILE C 121 20.81 18.03 2.10
CA ILE C 121 21.04 18.33 3.50
C ILE C 121 21.82 17.20 4.19
N ARG C 122 21.56 15.97 3.78
CA ARG C 122 22.30 14.83 4.31
C ARG C 122 23.74 14.82 3.81
N VAL C 123 23.92 15.08 2.51
CA VAL C 123 25.25 15.16 1.92
C VAL C 123 26.08 16.25 2.58
N ARG C 124 25.43 17.39 2.83
CA ARG C 124 26.06 18.51 3.52
C ARG C 124 26.52 18.12 4.92
N LEU C 125 25.67 17.41 5.66
CA LEU C 125 25.97 17.02 7.03
C LEU C 125 27.13 16.06 7.11
N VAL C 126 27.25 15.17 6.12
CA VAL C 126 28.35 14.20 6.09
C VAL C 126 29.67 14.93 5.83
N GLU C 127 29.61 15.94 4.97
CA GLU C 127 30.78 16.78 4.71
C GLU C 127 31.25 17.48 5.98
N GLU C 128 30.31 17.77 6.87
CA GLU C 128 30.63 18.43 8.14
C GLU C 128 31.12 17.43 9.18
N THR C 129 31.15 16.15 8.80
CA THR C 129 31.67 15.10 9.66
C THR C 129 33.20 15.07 9.50
N GLY C 130 33.70 15.88 8.57
CA GLY C 130 35.13 15.99 8.35
C GLY C 130 35.73 16.95 9.35
N ASN C 131 34.86 17.71 10.01
CA ASN C 131 35.28 18.57 11.10
C ASN C 131 34.79 17.95 12.41
N SER C 132 35.67 17.85 13.38
CA SER C 132 35.37 17.15 14.63
C SER C 132 34.41 17.92 15.53
N GLU C 133 34.49 19.24 15.50
CA GLU C 133 33.63 20.09 16.32
C GLU C 133 32.16 19.87 15.97
N ASN C 134 31.87 19.83 14.68
CA ASN C 134 30.52 19.54 14.20
C ASN C 134 30.13 18.10 14.52
N LEU C 135 31.11 17.20 14.49
CA LEU C 135 30.87 15.79 14.79
C LEU C 135 30.28 15.58 16.18
N ASN C 136 30.73 16.36 17.14
CA ASN C 136 30.21 16.26 18.51
C ASN C 136 28.80 16.84 18.61
N THR C 137 28.55 17.88 17.81
CA THR C 137 27.21 18.48 17.74
C THR C 137 26.21 17.51 17.11
N ILE C 138 26.59 16.95 15.97
CA ILE C 138 25.74 16.01 15.26
C ILE C 138 25.50 14.73 16.05
N LYS C 139 26.58 14.13 16.57
CA LYS C 139 26.49 12.90 17.34
C LYS C 139 25.56 13.02 18.54
N SER C 140 25.63 14.17 19.22
CA SER C 140 24.80 14.42 20.38
C SER C 140 23.33 14.57 20.01
N LYS C 141 23.07 15.37 18.97
CA LYS C 141 21.71 15.67 18.55
C LYS C 141 21.03 14.51 17.81
N ILE C 142 21.78 13.85 16.94
CA ILE C 142 21.19 12.84 16.06
C ILE C 142 20.92 11.54 16.83
N ALA C 143 21.42 11.46 18.06
CA ALA C 143 21.20 10.31 18.91
C ALA C 143 19.76 10.25 19.39
N SER C 144 19.06 11.37 19.27
CA SER C 144 17.67 11.47 19.73
C SER C 144 16.68 11.27 18.60
N HIS C 145 17.17 11.19 17.37
CA HIS C 145 16.30 11.05 16.20
C HIS C 145 15.53 9.74 16.20
N PRO C 146 14.26 9.79 15.77
CA PRO C 146 13.33 8.65 15.77
C PRO C 146 13.88 7.44 15.01
N LEU C 147 14.36 7.67 13.79
CA LEU C 147 14.87 6.59 12.94
C LEU C 147 16.14 5.96 13.49
N ILE C 148 16.96 6.75 14.15
CA ILE C 148 18.22 6.26 14.70
C ILE C 148 17.95 5.24 15.81
N GLN C 149 16.96 5.53 16.65
CA GLN C 149 16.62 4.63 17.75
C GLN C 149 15.92 3.37 17.24
N ALA C 150 15.08 3.52 16.23
CA ALA C 150 14.35 2.39 15.65
C ALA C 150 15.32 1.40 15.03
N TYR C 151 16.38 1.90 14.42
CA TYR C 151 17.42 1.06 13.84
C TYR C 151 18.31 0.51 14.94
N GLY C 152 18.26 1.15 16.11
CA GLY C 152 19.11 0.78 17.23
C GLY C 152 20.57 0.97 16.90
N LEU C 153 20.87 2.07 16.21
CA LEU C 153 22.21 2.32 15.71
C LEU C 153 23.16 2.84 16.79
N PRO C 154 24.26 2.11 17.03
CA PRO C 154 25.31 2.55 17.95
C PRO C 154 26.12 3.70 17.35
N LEU C 155 26.13 4.84 18.02
CA LEU C 155 26.80 6.04 17.52
C LEU C 155 28.17 6.20 18.19
N ASP C 156 29.16 5.50 17.66
CA ASP C 156 30.48 5.47 18.26
C ASP C 156 31.48 6.37 17.52
N ASP C 157 31.90 5.95 16.34
CA ASP C 157 32.91 6.68 15.57
C ASP C 157 32.27 7.53 14.48
N ALA C 158 33.10 8.12 13.63
CA ALA C 158 32.65 9.02 12.58
C ALA C 158 31.81 8.30 11.53
N LYS C 159 32.17 7.05 11.26
CA LYS C 159 31.45 6.25 10.27
C LYS C 159 30.04 5.90 10.77
N SER C 160 29.90 5.73 12.07
CA SER C 160 28.60 5.42 12.66
C SER C 160 27.69 6.65 12.62
N VAL C 161 28.29 7.82 12.78
CA VAL C 161 27.55 9.08 12.69
C VAL C 161 27.11 9.35 11.26
N ARG C 162 27.99 9.05 10.31
CA ARG C 162 27.69 9.22 8.89
C ARG C 162 26.51 8.35 8.46
N LEU C 163 26.47 7.12 8.98
CA LEU C 163 25.35 6.22 8.74
C LEU C 163 24.05 6.80 9.27
N ALA C 164 24.13 7.43 10.43
CA ALA C 164 22.95 8.02 11.07
C ALA C 164 22.33 9.10 10.18
N ILE C 165 23.18 9.89 9.55
CA ILE C 165 22.73 10.93 8.63
C ILE C 165 22.07 10.29 7.40
N MET C 166 22.51 9.10 7.05
CA MET C 166 22.01 8.41 5.86
C MET C 166 20.63 7.78 6.06
N LEU C 167 20.33 7.38 7.29
CA LEU C 167 19.06 6.72 7.61
C LEU C 167 17.84 7.50 7.16
N GLY C 168 17.05 6.89 6.28
CA GLY C 168 15.82 7.50 5.79
C GLY C 168 16.04 8.29 4.51
N GLY C 169 17.28 8.35 4.06
CA GLY C 169 17.63 9.13 2.88
C GLY C 169 17.43 8.39 1.57
N SER C 170 17.37 9.15 0.48
CA SER C 170 17.25 8.58 -0.85
C SER C 170 18.59 8.03 -1.32
N LEU C 171 18.81 6.74 -1.07
CA LEU C 171 20.09 6.09 -1.33
C LEU C 171 20.56 6.15 -2.80
N PRO C 172 19.66 5.90 -3.77
CA PRO C 172 20.16 5.98 -5.15
C PRO C 172 20.63 7.37 -5.56
N LEU C 173 20.02 8.41 -4.98
CA LEU C 173 20.45 9.78 -5.24
C LEU C 173 21.84 10.02 -4.68
N ILE C 174 22.00 9.74 -3.39
CA ILE C 174 23.25 9.98 -2.67
C ILE C 174 24.40 9.11 -3.20
N ALA C 175 24.08 7.93 -3.71
CA ALA C 175 25.08 6.99 -4.21
C ALA C 175 25.91 7.55 -5.36
N SER C 176 25.38 8.56 -6.06
CA SER C 176 26.07 9.14 -7.21
C SER C 176 27.17 10.10 -6.78
N VAL C 177 27.01 10.68 -5.59
CA VAL C 177 28.03 11.55 -5.03
C VAL C 177 29.24 10.71 -4.65
N ASP C 178 30.43 11.24 -4.92
CA ASP C 178 31.68 10.50 -4.69
C ASP C 178 31.88 10.20 -3.21
N SER C 179 32.45 9.01 -2.94
CA SER C 179 32.73 8.49 -1.60
C SER C 179 31.46 8.04 -0.87
N PHE C 180 30.31 8.18 -1.53
CA PHE C 180 29.04 7.78 -0.94
C PHE C 180 28.52 6.48 -1.53
N GLU C 181 29.31 5.86 -2.39
CA GLU C 181 28.88 4.65 -3.10
C GLU C 181 28.66 3.47 -2.16
N MET C 182 29.69 3.15 -1.37
CA MET C 182 29.64 2.01 -0.48
C MET C 182 28.64 2.19 0.67
N ILE C 183 28.61 3.38 1.24
CA ILE C 183 27.74 3.66 2.38
C ILE C 183 26.26 3.54 1.98
N SER C 184 25.99 3.75 0.70
CA SER C 184 24.63 3.64 0.17
C SER C 184 24.23 2.18 -0.03
N VAL C 185 25.14 1.39 -0.60
CA VAL C 185 24.82 0.00 -0.95
C VAL C 185 24.81 -0.90 0.29
N VAL C 186 25.65 -0.57 1.27
CA VAL C 186 25.70 -1.34 2.51
C VAL C 186 24.41 -1.13 3.28
N LEU C 187 23.94 0.11 3.31
CA LEU C 187 22.70 0.46 3.99
C LEU C 187 21.49 -0.08 3.23
N ALA C 188 21.59 -0.12 1.91
CA ALA C 188 20.51 -0.67 1.07
C ALA C 188 20.40 -2.17 1.28
N ILE C 189 21.54 -2.84 1.36
CA ILE C 189 21.60 -4.26 1.67
C ILE C 189 21.00 -4.52 3.05
N TYR C 190 21.38 -3.69 4.01
CA TYR C 190 20.89 -3.83 5.38
C TYR C 190 19.39 -3.62 5.44
N GLN C 191 18.89 -2.65 4.67
CA GLN C 191 17.46 -2.38 4.63
C GLN C 191 16.72 -3.48 3.90
N ASP C 192 17.42 -4.17 2.99
CA ASP C 192 16.82 -5.26 2.24
C ASP C 192 16.77 -6.54 3.08
N ALA C 193 17.83 -6.78 3.85
CA ALA C 193 17.93 -7.97 4.68
C ALA C 193 17.01 -7.88 5.90
N LYS C 194 17.03 -6.73 6.57
CA LYS C 194 16.33 -6.56 7.84
C LYS C 194 15.08 -5.69 7.72
N TYR C 195 14.42 -5.71 6.57
CA TYR C 195 13.27 -4.82 6.34
C TYR C 195 12.13 -5.12 7.31
N LYS C 196 12.02 -6.38 7.73
CA LYS C 196 10.99 -6.76 8.69
C LYS C 196 11.28 -6.22 10.07
N ASP C 197 12.54 -6.34 10.50
CA ASP C 197 12.95 -5.90 11.84
C ASP C 197 12.89 -4.38 11.97
N LEU C 198 13.07 -3.68 10.85
CA LEU C 198 13.11 -2.23 10.86
C LEU C 198 11.71 -1.63 10.73
N GLY C 199 10.72 -2.51 10.53
CA GLY C 199 9.33 -2.08 10.39
C GLY C 199 9.07 -1.28 9.14
N ILE C 200 9.76 -1.62 8.05
CA ILE C 200 9.56 -0.96 6.77
C ILE C 200 8.50 -1.67 5.94
N ASP C 201 7.42 -0.96 5.62
CA ASP C 201 6.33 -1.52 4.84
C ASP C 201 6.76 -1.68 3.38
N PRO C 202 6.83 -2.94 2.91
CA PRO C 202 7.27 -3.27 1.55
C PRO C 202 6.34 -2.71 0.47
N LYS C 203 5.09 -2.47 0.84
CA LYS C 203 4.09 -1.96 -0.09
C LYS C 203 4.34 -0.47 -0.36
N LYS C 204 4.93 0.20 0.62
CA LYS C 204 5.20 1.62 0.53
C LYS C 204 6.62 1.89 0.03
N TYR C 205 7.53 0.97 0.34
CA TYR C 205 8.94 1.13 0.00
C TYR C 205 9.53 -0.20 -0.48
N ASP C 206 9.73 -0.31 -1.80
CA ASP C 206 10.34 -1.51 -2.36
C ASP C 206 11.81 -1.55 -2.02
N THR C 207 12.16 -2.33 -1.00
CA THR C 207 13.52 -2.35 -0.49
C THR C 207 14.47 -3.09 -1.44
N LYS C 208 13.90 -3.91 -2.33
CA LYS C 208 14.69 -4.61 -3.34
C LYS C 208 14.97 -3.73 -4.55
N GLU C 209 13.96 -2.96 -4.96
CA GLU C 209 14.10 -2.04 -6.09
C GLU C 209 15.09 -0.92 -5.82
N ALA C 210 15.13 -0.47 -4.58
CA ALA C 210 16.04 0.61 -4.17
C ALA C 210 17.49 0.19 -4.36
N LEU C 211 17.83 -1.01 -3.90
CA LEU C 211 19.17 -1.56 -4.03
C LEU C 211 19.57 -1.70 -5.50
N GLY C 212 18.60 -2.06 -6.33
CA GLY C 212 18.85 -2.20 -7.76
C GLY C 212 19.22 -0.88 -8.39
N LYS C 213 18.51 0.18 -8.00
CA LYS C 213 18.75 1.51 -8.53
C LYS C 213 20.11 2.05 -8.07
N VAL C 214 20.51 1.69 -6.85
CA VAL C 214 21.81 2.10 -6.32
C VAL C 214 22.93 1.50 -7.15
N CYS C 215 22.80 0.22 -7.47
CA CYS C 215 23.79 -0.48 -8.28
C CYS C 215 23.83 0.09 -9.70
N THR C 216 22.65 0.45 -10.21
CA THR C 216 22.53 1.07 -11.51
C THR C 216 23.27 2.41 -11.55
N VAL C 217 23.18 3.16 -10.45
CA VAL C 217 23.88 4.43 -10.31
C VAL C 217 25.39 4.24 -10.37
N LEU C 218 25.87 3.23 -9.64
CA LEU C 218 27.31 2.97 -9.57
C LEU C 218 27.88 2.51 -10.90
N LYS C 219 27.12 1.68 -11.61
CA LYS C 219 27.54 1.17 -12.91
C LYS C 219 27.50 2.28 -13.96
N SER C 220 26.65 3.27 -13.74
CA SER C 220 26.52 4.38 -14.67
C SER C 220 27.75 5.28 -14.63
N LYS C 221 28.36 5.40 -13.45
CA LYS C 221 29.57 6.19 -13.30
C LYS C 221 30.79 5.28 -13.19
N ALA C 222 30.66 4.06 -13.70
CA ALA C 222 31.75 3.08 -13.73
C ALA C 222 32.46 2.92 -12.40
N PHE C 223 31.68 2.73 -11.33
CA PHE C 223 32.24 2.51 -10.01
C PHE C 223 32.75 1.08 -9.87
N GLU C 224 34.00 0.95 -9.44
CA GLU C 224 34.64 -0.36 -9.33
C GLU C 224 34.81 -0.78 -7.86
N MET C 225 34.26 -1.92 -7.51
CA MET C 225 34.33 -2.42 -6.13
C MET C 225 35.61 -3.19 -5.84
N ASN C 226 36.72 -2.47 -5.71
CA ASN C 226 37.97 -3.10 -5.30
C ASN C 226 37.97 -3.36 -3.81
N GLU C 227 39.09 -3.82 -3.27
CA GLU C 227 39.17 -4.18 -1.85
C GLU C 227 38.98 -2.97 -0.94
N ASP C 228 39.42 -1.80 -1.38
CA ASP C 228 39.33 -0.60 -0.57
C ASP C 228 37.88 -0.22 -0.30
N GLN C 229 37.05 -0.38 -1.33
CA GLN C 229 35.64 -0.09 -1.20
C GLN C 229 34.99 -1.12 -0.30
N VAL C 230 35.38 -2.38 -0.49
CA VAL C 230 34.89 -3.48 0.33
C VAL C 230 35.39 -3.30 1.78
N LYS C 231 36.61 -2.79 1.91
CA LYS C 231 37.18 -2.46 3.21
C LYS C 231 36.32 -1.47 3.97
N LYS C 232 35.93 -0.40 3.30
CA LYS C 232 35.10 0.64 3.88
C LYS C 232 33.69 0.13 4.20
N GLY C 233 33.10 -0.59 3.25
CA GLY C 233 31.77 -1.12 3.41
C GLY C 233 31.58 -2.05 4.58
N LYS C 234 32.56 -2.93 4.81
CA LYS C 234 32.51 -3.87 5.92
C LYS C 234 32.56 -3.15 7.26
N GLU C 235 33.28 -2.03 7.29
CA GLU C 235 33.35 -1.21 8.49
C GLU C 235 31.99 -0.56 8.74
N TYR C 236 31.32 -0.17 7.66
CA TYR C 236 29.95 0.33 7.74
C TYR C 236 29.01 -0.78 8.17
N ALA C 237 29.17 -1.95 7.54
CA ALA C 237 28.33 -3.10 7.83
C ALA C 237 28.52 -3.61 9.25
N ALA C 238 29.73 -3.43 9.78
CA ALA C 238 30.03 -3.81 11.15
C ALA C 238 29.19 -3.01 12.13
N ILE C 239 29.04 -1.72 11.84
CA ILE C 239 28.23 -0.83 12.67
C ILE C 239 26.76 -1.19 12.56
N LEU C 240 26.33 -1.54 11.35
CA LEU C 240 24.93 -1.91 11.10
C LEU C 240 24.59 -3.28 11.71
N SER C 241 25.58 -4.16 11.75
CA SER C 241 25.38 -5.50 12.31
C SER C 241 25.15 -5.43 13.82
N SER C 242 25.89 -4.55 14.49
CA SER C 242 25.81 -4.42 15.94
C SER C 242 24.55 -3.68 16.37
N SER C 243 23.80 -3.17 15.40
CA SER C 243 22.59 -2.40 15.70
C SER C 243 21.42 -3.32 16.04
N ASN C 244 20.44 -2.80 16.75
CA ASN C 244 19.29 -3.58 17.19
C ASN C 244 17.98 -3.12 16.54
N SER C 250 8.56 -5.99 16.85
CA SER C 250 8.10 -4.98 17.80
C SER C 250 8.55 -5.34 19.22
N VAL C 251 8.93 -4.32 19.98
CA VAL C 251 9.41 -4.51 21.35
C VAL C 251 8.27 -4.91 22.28
N ALA C 252 7.07 -4.45 21.98
CA ALA C 252 5.90 -4.74 22.81
C ALA C 252 5.41 -6.17 22.60
N MET C 253 5.45 -6.64 21.35
CA MET C 253 5.04 -8.01 21.03
C MET C 253 6.01 -9.02 21.61
N GLU C 254 7.24 -8.58 21.88
CA GLU C 254 8.23 -9.41 22.54
C GLU C 254 7.95 -9.53 24.03
N HIS C 255 7.34 -8.49 24.58
CA HIS C 255 7.01 -8.46 26.00
C HIS C 255 5.84 -9.39 26.33
N TYR C 256 5.02 -9.68 25.32
CA TYR C 256 3.88 -10.57 25.50
C TYR C 256 3.98 -11.81 24.62
N SER C 257 5.18 -12.09 24.13
CA SER C 257 5.38 -13.19 23.18
C SER C 257 5.02 -14.56 23.74
N GLU C 258 5.25 -14.75 25.04
CA GLU C 258 5.03 -16.04 25.67
C GLU C 258 3.55 -16.41 25.74
N THR C 259 2.70 -15.41 25.88
CA THR C 259 1.26 -15.64 26.01
C THR C 259 0.53 -15.39 24.70
N LEU C 260 1.21 -14.75 23.75
CA LEU C 260 0.63 -14.48 22.44
C LEU C 260 0.64 -15.72 21.56
N ASN C 261 1.57 -16.63 21.83
CA ASN C 261 1.74 -17.82 21.01
C ASN C 261 0.77 -18.94 21.36
N LYS C 262 0.24 -18.90 22.58
CA LYS C 262 -0.75 -19.88 23.00
C LYS C 262 -2.05 -19.66 22.23
N PHE C 263 -2.39 -18.40 22.01
CA PHE C 263 -3.56 -18.06 21.21
C PHE C 263 -3.29 -18.34 19.74
N TYR C 264 -2.05 -18.16 19.33
CA TYR C 264 -1.63 -18.45 17.96
C TYR C 264 -1.81 -19.93 17.63
N GLU C 265 -1.41 -20.78 18.57
CA GLU C 265 -1.53 -22.23 18.38
C GLU C 265 -2.97 -22.68 18.52
#